data_2Z91
#
_entry.id   2Z91
#
_cell.length_a   67.844
_cell.length_b   78.263
_cell.length_c   89.042
_cell.angle_alpha   90.00
_cell.angle_beta   99.25
_cell.angle_gamma   90.00
#
_symmetry.space_group_name_H-M   'P 1 21 1'
#
loop_
_entity.id
_entity.type
_entity.pdbx_description
1 polymer 'Anti-ciguatoxin antibody 10C9 FAB heavy chain'
2 polymer 'Anti-ciguatoxin antibody 10C9 FAB light chain'
3 water water
#
loop_
_entity_poly.entity_id
_entity_poly.type
_entity_poly.pdbx_seq_one_letter_code
_entity_poly.pdbx_strand_id
1 'polypeptide(L)'
;QLLESGPDLVKPSQSLSLTCTVTGYSITSGYNWHWIRQFPGNKLEWMGYIHYRGTTNYNTSLKSRISITRDSSKNQFFLQ
LNSVTTEDTATYYCACDDFYSDYWGQGTIVTVSSAKTTPPSVYPLAPGSAAQTNSMVTLGCLVKGYFPEPVTVTWNSGSL
SSGVHTFPAVLQSDLYTLSSSVTVPSSTWPSETVTCNVAHPASSTKVDKKIVPRDCTS
;
A,C
2 'polypeptide(L)'
;ELVMTQTPAIMSASPGEKVTMTCSASSSVSSVHWYQQKSGTSPKRWIYDTSKLPSGVPGRFSGSGSGTSYSLTISSMEAE
DAATYYCQQWSSNPPTFGAGTKLEVKRADAAPTVSIFPPSSEQLTSGGASVVCFLNNFYPKDINVKWKIDGSERQNGVLN
SWTDQDSKDSTYSMSSTLTLTKDEYERHNSYTCEATHKTSTSPIVKSFNRNEC
;
B,D
#
# COMPACT_ATOMS: atom_id res chain seq x y z
N GLN A 1 -3.38 16.55 1.74
CA GLN A 1 -3.72 16.26 0.32
C GLN A 1 -3.31 14.86 -0.15
N LEU A 2 -2.00 14.57 -0.19
CA LEU A 2 -1.50 13.26 -0.64
C LEU A 2 -0.43 12.60 0.25
N LEU A 3 -0.62 11.31 0.54
CA LEU A 3 0.32 10.55 1.38
C LEU A 3 0.62 9.19 0.74
N GLU A 4 1.91 8.84 0.63
CA GLU A 4 2.33 7.57 0.01
C GLU A 4 2.56 6.51 1.07
N SER A 5 2.23 5.27 0.76
CA SER A 5 2.43 4.19 1.71
C SER A 5 2.73 2.85 1.05
N GLY A 6 3.54 2.03 1.71
CA GLY A 6 3.89 0.72 1.20
C GLY A 6 5.13 0.18 1.87
N PRO A 7 5.46 -1.12 1.67
CA PRO A 7 6.65 -1.71 2.29
C PRO A 7 7.93 -0.96 1.93
N ASP A 8 8.90 -1.00 2.83
CA ASP A 8 10.17 -0.31 2.66
C ASP A 8 11.22 -1.08 1.86
N LEU A 9 11.39 -2.36 2.16
CA LEU A 9 12.37 -3.21 1.49
C LEU A 9 11.69 -4.20 0.56
N VAL A 10 12.14 -4.25 -0.70
CA VAL A 10 11.60 -5.18 -1.67
C VAL A 10 12.77 -5.88 -2.37
N LYS A 11 12.66 -7.20 -2.50
CA LYS A 11 13.72 -7.99 -3.10
C LYS A 11 13.88 -7.77 -4.60
N PRO A 12 15.12 -7.91 -5.10
CA PRO A 12 15.37 -7.74 -6.55
C PRO A 12 14.59 -8.82 -7.30
N SER A 13 14.11 -8.49 -8.49
CA SER A 13 13.35 -9.40 -9.35
C SER A 13 11.86 -9.39 -8.98
N GLN A 14 11.55 -8.94 -7.77
CA GLN A 14 10.16 -8.88 -7.34
C GLN A 14 9.47 -7.61 -7.83
N SER A 15 8.31 -7.33 -7.25
CA SER A 15 7.51 -6.18 -7.62
C SER A 15 7.44 -5.16 -6.50
N LEU A 16 7.40 -3.88 -6.87
CA LEU A 16 7.32 -2.77 -5.92
C LEU A 16 5.90 -2.22 -6.01
N SER A 17 5.26 -2.00 -4.87
CA SER A 17 3.89 -1.48 -4.84
C SER A 17 3.72 -0.36 -3.82
N LEU A 18 2.98 0.67 -4.20
CA LEU A 18 2.75 1.82 -3.33
C LEU A 18 1.33 2.30 -3.45
N THR A 19 0.85 2.89 -2.36
CA THR A 19 -0.50 3.43 -2.32
C THR A 19 -0.42 4.92 -2.04
N CYS A 20 -1.25 5.68 -2.72
CA CYS A 20 -1.33 7.13 -2.51
C CYS A 20 -2.79 7.34 -2.12
N THR A 21 -3.00 7.81 -0.90
CA THR A 21 -4.34 8.08 -0.41
C THR A 21 -4.52 9.58 -0.47
N VAL A 22 -5.49 10.03 -1.25
CA VAL A 22 -5.74 11.45 -1.39
C VAL A 22 -6.91 11.86 -0.49
N THR A 23 -6.87 13.10 0.00
CA THR A 23 -7.93 13.61 0.85
C THR A 23 -8.18 15.07 0.55
N GLY A 24 -9.44 15.47 0.51
CA GLY A 24 -9.78 16.85 0.23
C GLY A 24 -10.20 17.07 -1.20
N TYR A 25 -10.24 16.00 -1.99
CA TYR A 25 -10.61 16.11 -3.39
C TYR A 25 -10.78 14.72 -4.00
N SER A 26 -11.77 14.57 -4.88
CA SER A 26 -12.01 13.29 -5.53
C SER A 26 -11.10 13.09 -6.72
N ILE A 27 -10.26 12.06 -6.70
CA ILE A 27 -9.34 11.82 -7.80
C ILE A 27 -10.06 11.50 -9.10
N THR A 28 -11.39 11.42 -9.06
CA THR A 28 -12.15 11.13 -10.28
C THR A 28 -12.77 12.41 -10.82
N SER A 29 -12.72 13.48 -10.03
CA SER A 29 -13.25 14.77 -10.42
C SER A 29 -12.32 15.45 -11.43
N GLY A 30 -11.06 15.60 -11.05
CA GLY A 30 -10.11 16.24 -11.93
C GLY A 30 -8.64 16.02 -11.58
N TYR A 31 -7.78 16.72 -12.32
CA TYR A 31 -6.33 16.65 -12.15
C TYR A 31 -5.75 15.40 -12.80
N ASN A 32 -4.43 15.41 -12.93
CA ASN A 32 -3.67 14.28 -13.44
C ASN A 32 -2.95 13.81 -12.18
N TRP A 33 -2.90 12.50 -11.95
CA TRP A 33 -2.25 11.98 -10.75
C TRP A 33 -1.02 11.20 -11.15
N HIS A 34 0.13 11.75 -10.79
CA HIS A 34 1.44 11.19 -11.14
C HIS A 34 2.15 10.43 -10.04
N TRP A 35 3.17 9.69 -10.47
CA TRP A 35 4.06 8.94 -9.60
C TRP A 35 5.42 9.42 -10.09
N ILE A 36 6.23 9.97 -9.20
CA ILE A 36 7.52 10.48 -9.61
C ILE A 36 8.52 10.02 -8.59
N ARG A 37 9.71 9.61 -9.02
CA ARG A 37 10.71 9.16 -8.07
C ARG A 37 12.03 9.90 -8.20
N GLN A 38 12.80 9.88 -7.12
CA GLN A 38 14.09 10.54 -7.08
C GLN A 38 15.14 9.54 -6.57
N PHE A 39 16.15 9.28 -7.39
CA PHE A 39 17.21 8.34 -7.05
C PHE A 39 18.26 8.95 -6.12
N PRO A 40 19.02 8.09 -5.42
CA PRO A 40 20.05 8.65 -4.54
C PRO A 40 21.04 9.36 -5.47
N GLY A 41 21.19 10.68 -5.28
CA GLY A 41 22.05 11.44 -6.16
C GLY A 41 21.21 12.63 -6.59
N ASN A 42 19.90 12.51 -6.29
CA ASN A 42 18.90 13.53 -6.55
C ASN A 42 18.33 13.63 -7.96
N LYS A 43 18.69 12.66 -8.80
CA LYS A 43 18.20 12.62 -10.16
C LYS A 43 16.69 12.31 -10.09
N LEU A 44 15.88 13.06 -10.83
CA LEU A 44 14.43 12.88 -10.88
C LEU A 44 13.96 12.19 -12.16
N GLU A 45 12.85 11.44 -12.04
CA GLU A 45 12.28 10.72 -13.17
C GLU A 45 10.76 10.59 -13.03
N TRP A 46 10.04 11.10 -14.01
CA TRP A 46 8.59 11.02 -14.01
C TRP A 46 8.26 9.60 -14.42
N MET A 47 7.44 8.92 -13.63
CA MET A 47 7.08 7.54 -13.92
C MET A 47 5.82 7.36 -14.71
N GLY A 48 4.79 8.13 -14.38
CA GLY A 48 3.53 8.04 -15.09
C GLY A 48 2.39 8.68 -14.31
N TYR A 49 1.20 8.66 -14.90
CA TYR A 49 0.04 9.22 -14.23
C TYR A 49 -1.24 8.56 -14.73
N ILE A 50 -2.35 8.95 -14.14
CA ILE A 50 -3.65 8.45 -14.54
C ILE A 50 -4.56 9.68 -14.48
N HIS A 51 -5.35 9.89 -15.53
CA HIS A 51 -6.30 10.99 -15.66
C HIS A 51 -7.44 10.89 -14.66
N TYR A 52 -8.37 11.85 -14.68
CA TYR A 52 -9.53 11.80 -13.79
C TYR A 52 -10.31 10.54 -14.17
N ARG A 53 -10.05 10.05 -15.38
CA ARG A 53 -10.65 8.82 -15.88
C ARG A 53 -9.45 7.89 -15.93
N GLY A 54 -9.70 6.62 -15.64
CA GLY A 54 -8.69 5.57 -15.63
C GLY A 54 -7.71 5.52 -16.78
N THR A 55 -7.70 6.55 -17.64
CA THR A 55 -6.77 6.60 -18.75
C THR A 55 -5.39 6.85 -18.16
N THR A 56 -4.43 6.07 -18.64
CA THR A 56 -3.09 6.20 -18.11
C THR A 56 -2.09 6.65 -19.15
N ASN A 57 -0.91 7.06 -18.69
CA ASN A 57 0.16 7.52 -19.56
C ASN A 57 1.47 7.20 -18.83
N TYR A 58 2.30 6.38 -19.44
CA TYR A 58 3.54 5.97 -18.80
C TYR A 58 4.83 6.42 -19.49
N ASN A 59 5.89 6.46 -18.71
CA ASN A 59 7.20 6.81 -19.22
C ASN A 59 7.60 5.63 -20.09
N THR A 60 7.86 5.91 -21.36
CA THR A 60 8.24 4.90 -22.34
C THR A 60 9.24 3.84 -21.86
N SER A 61 10.30 4.31 -21.19
CA SER A 61 11.34 3.41 -20.70
C SER A 61 10.90 2.52 -19.54
N LEU A 62 9.65 2.68 -19.09
CA LEU A 62 9.12 1.87 -18.00
C LEU A 62 7.87 1.14 -18.44
N LYS A 63 7.36 1.50 -19.62
CA LYS A 63 6.15 0.94 -20.20
C LYS A 63 5.92 -0.56 -19.99
N SER A 64 6.99 -1.36 -19.99
CA SER A 64 6.83 -2.80 -19.82
C SER A 64 6.76 -3.32 -18.37
N ARG A 65 7.19 -2.50 -17.42
CA ARG A 65 7.20 -2.92 -16.02
C ARG A 65 6.22 -2.17 -15.13
N ILE A 66 5.63 -1.10 -15.64
CA ILE A 66 4.76 -0.29 -14.79
C ILE A 66 3.27 -0.44 -15.01
N SER A 67 2.52 -0.15 -13.95
CA SER A 67 1.07 -0.22 -13.97
C SER A 67 0.53 0.76 -12.94
N ILE A 68 -0.42 1.60 -13.34
CA ILE A 68 -1.02 2.54 -12.40
C ILE A 68 -2.51 2.29 -12.44
N THR A 69 -3.10 2.09 -11.27
CA THR A 69 -4.51 1.80 -11.17
C THR A 69 -5.09 2.53 -9.97
N ARG A 70 -6.40 2.49 -9.81
CA ARG A 70 -7.01 3.19 -8.68
C ARG A 70 -8.27 2.53 -8.14
N ASP A 71 -8.70 3.03 -6.99
CA ASP A 71 -9.91 2.56 -6.37
C ASP A 71 -10.69 3.81 -6.00
N SER A 72 -11.59 4.22 -6.89
CA SER A 72 -12.42 5.40 -6.69
C SER A 72 -12.99 5.43 -5.27
N SER A 73 -13.79 4.42 -4.96
CA SER A 73 -14.42 4.30 -3.65
C SER A 73 -13.53 4.71 -2.47
N LYS A 74 -12.26 4.34 -2.50
CA LYS A 74 -11.34 4.69 -1.41
C LYS A 74 -10.50 5.94 -1.65
N ASN A 75 -10.71 6.59 -2.80
CA ASN A 75 -9.97 7.78 -3.17
C ASN A 75 -8.45 7.58 -3.06
N GLN A 76 -7.95 6.53 -3.71
CA GLN A 76 -6.53 6.23 -3.74
C GLN A 76 -6.15 5.60 -5.07
N PHE A 77 -4.89 5.77 -5.47
CA PHE A 77 -4.43 5.12 -6.68
C PHE A 77 -3.13 4.43 -6.34
N PHE A 78 -2.76 3.42 -7.13
CA PHE A 78 -1.55 2.66 -6.83
C PHE A 78 -0.51 2.62 -7.93
N LEU A 79 0.65 2.16 -7.53
CA LEU A 79 1.80 2.02 -8.42
C LEU A 79 2.46 0.64 -8.28
N GLN A 80 2.65 -0.03 -9.39
CA GLN A 80 3.34 -1.31 -9.36
C GLN A 80 4.45 -1.28 -10.38
N LEU A 81 5.67 -1.53 -9.93
CA LEU A 81 6.82 -1.56 -10.82
C LEU A 81 7.35 -2.99 -10.72
N ASN A 82 7.20 -3.75 -11.80
CA ASN A 82 7.65 -5.13 -11.82
C ASN A 82 9.15 -5.31 -12.07
N SER A 83 9.65 -6.49 -11.71
CA SER A 83 11.04 -6.85 -11.93
C SER A 83 12.03 -5.78 -11.50
N VAL A 84 11.95 -5.36 -10.25
CA VAL A 84 12.85 -4.34 -9.77
C VAL A 84 14.28 -4.83 -9.65
N THR A 85 15.21 -3.88 -9.69
CA THR A 85 16.63 -4.13 -9.56
C THR A 85 17.10 -3.06 -8.59
N THR A 86 18.32 -3.18 -8.08
CA THR A 86 18.82 -2.20 -7.14
C THR A 86 18.68 -0.79 -7.69
N GLU A 87 18.76 -0.65 -9.02
CA GLU A 87 18.62 0.64 -9.68
C GLU A 87 17.26 1.31 -9.42
N ASP A 88 16.34 0.58 -8.81
CA ASP A 88 15.02 1.12 -8.54
C ASP A 88 14.92 1.68 -7.12
N THR A 89 16.02 1.63 -6.38
CA THR A 89 16.04 2.15 -5.03
C THR A 89 15.85 3.66 -5.17
N ALA A 90 14.82 4.22 -4.57
CA ALA A 90 14.58 5.64 -4.68
C ALA A 90 13.49 6.13 -3.72
N THR A 91 13.24 7.43 -3.74
CA THR A 91 12.20 8.00 -2.92
C THR A 91 11.06 8.15 -3.91
N TYR A 92 9.90 7.59 -3.59
CA TYR A 92 8.74 7.67 -4.47
C TYR A 92 7.75 8.69 -3.97
N TYR A 93 7.37 9.61 -4.86
CA TYR A 93 6.42 10.64 -4.53
C TYR A 93 5.20 10.48 -5.42
N CYS A 94 4.04 10.83 -4.89
CA CYS A 94 2.85 10.83 -5.72
C CYS A 94 2.44 12.30 -5.80
N ALA A 95 1.75 12.67 -6.86
CA ALA A 95 1.37 14.05 -7.02
C ALA A 95 0.21 14.22 -7.98
N CYS A 96 -0.28 15.45 -8.07
CA CYS A 96 -1.36 15.77 -8.98
C CYS A 96 -1.12 17.18 -9.47
N ASP A 97 -1.78 17.54 -10.57
CA ASP A 97 -1.61 18.88 -11.11
C ASP A 97 -2.48 19.06 -12.32
N ASP A 98 -2.68 20.31 -12.69
CA ASP A 98 -3.43 20.69 -13.88
C ASP A 98 -2.50 21.72 -14.51
N PHE A 99 -2.95 22.45 -15.53
CA PHE A 99 -2.04 23.42 -16.13
C PHE A 99 -1.47 24.42 -15.11
N TYR A 100 -2.32 24.87 -14.19
CA TYR A 100 -1.92 25.85 -13.19
C TYR A 100 -2.07 25.39 -11.73
N SER A 101 -1.17 24.52 -11.25
CA SER A 101 -1.18 24.02 -9.86
C SER A 101 -0.69 22.58 -9.70
N ASP A 102 0.00 22.32 -8.59
CA ASP A 102 0.53 21.00 -8.29
C ASP A 102 0.60 20.73 -6.81
N TYR A 103 0.41 19.48 -6.43
CA TYR A 103 0.46 19.06 -5.05
C TYR A 103 1.26 17.78 -4.97
N TRP A 104 2.12 17.68 -3.96
CA TRP A 104 2.96 16.49 -3.76
C TRP A 104 2.79 15.84 -2.39
N GLY A 105 3.28 14.62 -2.27
CA GLY A 105 3.22 13.92 -1.00
C GLY A 105 4.57 14.14 -0.34
N GLN A 106 4.76 13.59 0.86
CA GLN A 106 6.01 13.73 1.59
C GLN A 106 7.09 12.87 0.92
N GLY A 107 6.67 11.82 0.23
CA GLY A 107 7.61 10.93 -0.42
C GLY A 107 7.92 9.76 0.51
N THR A 108 8.13 8.58 -0.05
CA THR A 108 8.43 7.40 0.75
C THR A 108 9.56 6.60 0.11
N ILE A 109 10.58 6.29 0.89
CA ILE A 109 11.73 5.55 0.40
C ILE A 109 11.49 4.06 0.26
N VAL A 110 11.99 3.50 -0.84
CA VAL A 110 11.88 2.07 -1.06
C VAL A 110 13.26 1.61 -1.47
N THR A 111 13.75 0.59 -0.80
CA THR A 111 15.07 0.07 -1.11
C THR A 111 14.94 -1.31 -1.77
N VAL A 112 15.62 -1.49 -2.89
CA VAL A 112 15.59 -2.76 -3.57
C VAL A 112 16.91 -3.42 -3.25
N SER A 113 16.88 -4.47 -2.44
CA SER A 113 18.10 -5.12 -2.04
C SER A 113 17.90 -6.54 -1.53
N SER A 114 18.91 -7.38 -1.72
CA SER A 114 18.86 -8.75 -1.23
C SER A 114 19.31 -8.74 0.22
N ALA A 115 19.94 -7.64 0.64
CA ALA A 115 20.39 -7.50 2.01
C ALA A 115 19.19 -7.67 2.96
N LYS A 116 19.47 -7.97 4.22
CA LYS A 116 18.39 -8.17 5.18
C LYS A 116 18.29 -7.04 6.21
N THR A 117 17.07 -6.79 6.66
CA THR A 117 16.83 -5.74 7.64
C THR A 117 17.67 -5.99 8.89
N THR A 118 18.29 -4.92 9.39
CA THR A 118 19.13 -4.97 10.59
C THR A 118 18.81 -3.75 11.45
N PRO A 119 18.46 -3.95 12.73
CA PRO A 119 18.15 -2.81 13.58
C PRO A 119 19.43 -2.03 13.84
N PRO A 120 19.30 -0.77 14.25
CA PRO A 120 20.51 0.00 14.51
C PRO A 120 20.90 -0.09 15.99
N SER A 121 22.14 0.26 16.28
CA SER A 121 22.59 0.26 17.67
C SER A 121 22.79 1.73 18.00
N VAL A 122 22.09 2.22 19.02
CA VAL A 122 22.18 3.61 19.40
C VAL A 122 23.14 3.82 20.55
N TYR A 123 24.18 4.62 20.34
CA TYR A 123 25.15 4.89 21.38
C TYR A 123 25.19 6.37 21.74
N PRO A 124 25.29 6.70 23.05
CA PRO A 124 25.33 8.10 23.47
C PRO A 124 26.73 8.68 23.31
N LEU A 125 26.78 9.97 23.03
CA LEU A 125 28.02 10.74 22.84
C LEU A 125 28.03 11.93 23.79
N ALA A 126 28.69 11.77 24.93
CA ALA A 126 28.78 12.84 25.90
C ALA A 126 30.17 13.46 25.83
N PRO A 127 30.28 14.77 26.09
CA PRO A 127 31.50 15.58 26.07
C PRO A 127 32.84 14.93 26.51
N GLY A 128 33.89 15.19 25.73
CA GLY A 128 35.20 14.64 26.02
C GLY A 128 35.68 14.81 27.46
N SER A 135 27.86 30.12 26.85
CA SER A 135 28.57 28.84 26.80
C SER A 135 27.59 27.71 26.61
N MET A 136 27.72 27.00 25.51
CA MET A 136 26.82 25.90 25.23
C MET A 136 27.58 24.59 25.20
N VAL A 137 26.85 23.49 25.36
CA VAL A 137 27.45 22.16 25.33
C VAL A 137 26.91 21.43 24.12
N THR A 138 27.73 20.59 23.51
CA THR A 138 27.27 19.84 22.34
C THR A 138 27.16 18.37 22.73
N LEU A 139 25.99 17.80 22.47
CA LEU A 139 25.72 16.39 22.77
C LEU A 139 25.49 15.62 21.48
N GLY A 140 25.72 14.32 21.51
CA GLY A 140 25.54 13.51 20.33
C GLY A 140 24.80 12.20 20.52
N CYS A 141 24.73 11.43 19.44
CA CYS A 141 24.01 10.17 19.43
C CYS A 141 24.42 9.44 18.14
N LEU A 142 25.06 8.28 18.27
CA LEU A 142 25.50 7.51 17.14
C LEU A 142 24.50 6.38 16.85
N VAL A 143 24.03 6.30 15.61
CA VAL A 143 23.09 5.27 15.19
C VAL A 143 23.83 4.49 14.12
N LYS A 144 24.31 3.29 14.44
CA LYS A 144 25.04 2.51 13.45
C LYS A 144 24.70 1.05 13.26
N GLY A 145 25.07 0.53 12.09
CA GLY A 145 24.83 -0.86 11.76
C GLY A 145 23.43 -1.23 11.34
N TYR A 146 22.66 -0.29 10.79
CA TYR A 146 21.29 -0.60 10.38
C TYR A 146 21.10 -0.64 8.88
N PHE A 147 19.98 -1.23 8.47
CA PHE A 147 19.61 -1.34 7.06
C PHE A 147 18.14 -1.78 7.01
N PRO A 148 17.33 -1.18 6.13
CA PRO A 148 17.68 -0.13 5.17
C PRO A 148 17.36 1.22 5.78
N GLU A 149 17.26 2.23 4.92
CA GLU A 149 16.92 3.57 5.34
C GLU A 149 15.41 3.60 5.23
N PRO A 150 14.76 4.59 5.87
CA PRO A 150 15.39 5.65 6.65
C PRO A 150 15.34 5.36 8.14
N VAL A 151 15.84 6.32 8.91
CA VAL A 151 15.84 6.24 10.37
C VAL A 151 15.50 7.65 10.80
N THR A 152 14.78 7.82 11.91
CA THR A 152 14.43 9.16 12.37
C THR A 152 15.04 9.42 13.75
N VAL A 153 15.57 10.62 13.94
CA VAL A 153 16.18 10.96 15.21
C VAL A 153 15.65 12.30 15.74
N THR A 154 15.12 12.29 16.96
CA THR A 154 14.61 13.50 17.59
C THR A 154 15.24 13.60 18.97
N TRP A 155 15.21 14.79 19.55
CA TRP A 155 15.77 15.00 20.87
C TRP A 155 14.67 15.37 21.86
N ASN A 156 14.64 14.67 22.99
CA ASN A 156 13.63 14.91 24.00
C ASN A 156 12.24 14.88 23.40
N SER A 157 12.04 13.94 22.49
CA SER A 157 10.77 13.75 21.83
C SER A 157 10.37 14.92 20.94
N GLY A 158 11.32 15.81 20.68
CA GLY A 158 11.05 16.94 19.82
C GLY A 158 11.06 18.31 20.47
N SER A 159 10.96 18.36 21.79
CA SER A 159 10.96 19.65 22.46
C SER A 159 12.29 20.36 22.24
N LEU A 160 13.33 19.58 21.94
CA LEU A 160 14.65 20.15 21.68
C LEU A 160 14.93 20.02 20.18
N SER A 161 14.18 20.75 19.37
CA SER A 161 14.33 20.68 17.91
C SER A 161 15.38 21.63 17.36
N SER A 162 15.40 22.84 17.86
CA SER A 162 16.37 23.83 17.41
C SER A 162 17.75 23.45 17.95
N GLY A 163 18.80 23.82 17.23
CA GLY A 163 20.14 23.49 17.68
C GLY A 163 20.50 22.03 17.44
N VAL A 164 19.74 21.38 16.56
CA VAL A 164 19.94 19.97 16.22
C VAL A 164 20.56 19.81 14.84
N HIS A 165 21.64 19.03 14.72
CA HIS A 165 22.25 18.75 13.43
C HIS A 165 22.29 17.23 13.25
N THR A 166 21.38 16.71 12.43
CA THR A 166 21.28 15.28 12.15
C THR A 166 21.94 15.06 10.78
N PHE A 167 23.05 14.32 10.77
CA PHE A 167 23.80 14.11 9.55
C PHE A 167 23.34 12.97 8.66
N PRO A 168 23.53 13.14 7.34
CA PRO A 168 23.13 12.13 6.35
C PRO A 168 23.83 10.82 6.66
N ALA A 169 23.14 9.72 6.44
CA ALA A 169 23.72 8.42 6.72
C ALA A 169 24.75 8.04 5.66
N VAL A 170 25.76 7.29 6.06
CA VAL A 170 26.79 6.84 5.15
C VAL A 170 26.77 5.32 5.11
N LEU A 171 26.86 4.77 3.91
CA LEU A 171 26.83 3.32 3.73
C LEU A 171 28.25 2.75 3.79
N GLN A 172 28.37 1.56 4.36
CA GLN A 172 29.67 0.90 4.50
C GLN A 172 29.45 -0.55 4.96
N SER A 173 29.92 -1.51 4.18
CA SER A 173 29.76 -2.92 4.51
C SER A 173 28.27 -3.24 4.56
N ASP A 174 27.53 -2.73 3.59
CA ASP A 174 26.11 -2.99 3.49
C ASP A 174 25.29 -2.61 4.73
N LEU A 175 25.72 -1.57 5.43
CA LEU A 175 25.04 -1.08 6.63
C LEU A 175 25.19 0.42 6.75
N TYR A 176 24.13 1.11 7.10
CA TYR A 176 24.19 2.57 7.25
C TYR A 176 24.58 2.97 8.66
N THR A 177 25.27 4.11 8.75
CA THR A 177 25.67 4.66 10.03
C THR A 177 25.33 6.13 9.97
N LEU A 178 24.77 6.65 11.05
CA LEU A 178 24.37 8.02 11.10
C LEU A 178 24.66 8.58 12.48
N SER A 179 24.72 9.90 12.58
CA SER A 179 25.00 10.55 13.85
C SER A 179 24.16 11.81 13.92
N SER A 180 23.84 12.23 15.14
CA SER A 180 23.03 13.41 15.33
C SER A 180 23.61 14.23 16.49
N SER A 181 23.47 15.54 16.40
CA SER A 181 23.96 16.40 17.45
C SER A 181 22.94 17.47 17.85
N VAL A 182 23.07 17.94 19.09
CA VAL A 182 22.19 18.97 19.61
C VAL A 182 23.03 19.83 20.54
N THR A 183 22.83 21.13 20.46
CA THR A 183 23.57 22.06 21.33
C THR A 183 22.60 22.73 22.29
N VAL A 184 23.01 22.81 23.55
CA VAL A 184 22.18 23.43 24.58
C VAL A 184 23.06 24.23 25.54
N PRO A 185 22.45 25.13 26.33
CA PRO A 185 23.23 25.94 27.27
C PRO A 185 23.92 25.03 28.28
N SER A 186 25.20 25.33 28.57
CA SER A 186 25.96 24.53 29.53
C SER A 186 25.20 24.29 30.83
N SER A 187 24.39 25.27 31.24
CA SER A 187 23.62 25.19 32.48
C SER A 187 22.35 24.35 32.40
N THR A 188 22.06 23.81 31.22
CA THR A 188 20.87 23.01 31.04
C THR A 188 21.18 21.51 31.17
N TRP A 189 22.32 21.10 30.66
CA TRP A 189 22.75 19.71 30.75
C TRP A 189 24.02 19.63 31.60
N PRO A 190 24.15 18.60 32.44
CA PRO A 190 23.23 17.47 32.69
C PRO A 190 22.18 17.70 33.75
N SER A 191 21.88 18.96 34.05
CA SER A 191 20.86 19.28 35.04
C SER A 191 19.53 18.70 34.56
N GLU A 192 19.13 19.12 33.35
CA GLU A 192 17.91 18.64 32.71
C GLU A 192 18.30 17.47 31.82
N THR A 193 17.49 16.41 31.81
CA THR A 193 17.75 15.22 31.01
C THR A 193 17.63 15.46 29.51
N VAL A 194 18.64 15.04 28.76
CA VAL A 194 18.66 15.16 27.30
C VAL A 194 18.74 13.74 26.75
N THR A 195 17.74 13.34 25.97
CA THR A 195 17.68 12.00 25.43
C THR A 195 17.48 11.98 23.92
N CYS A 196 18.18 11.11 23.20
CA CYS A 196 17.92 11.05 21.76
C CYS A 196 16.99 9.90 21.46
N ASN A 197 15.95 10.19 20.71
CA ASN A 197 14.96 9.21 20.34
C ASN A 197 15.24 8.73 18.90
N VAL A 198 15.36 7.44 18.72
CA VAL A 198 15.65 6.91 17.41
C VAL A 198 14.62 5.87 16.99
N ALA A 199 14.11 6.02 15.77
CA ALA A 199 13.13 5.09 15.22
C ALA A 199 13.66 4.53 13.91
N HIS A 200 13.46 3.23 13.71
CA HIS A 200 13.89 2.55 12.49
C HIS A 200 12.75 1.63 12.10
N PRO A 201 11.74 2.18 11.40
CA PRO A 201 10.56 1.43 10.96
C PRO A 201 10.77 0.10 10.24
N ALA A 202 11.77 0.00 9.36
CA ALA A 202 11.98 -1.25 8.64
C ALA A 202 12.08 -2.44 9.61
N SER A 203 12.60 -2.19 10.82
CA SER A 203 12.72 -3.25 11.82
C SER A 203 11.85 -2.93 13.04
N SER A 204 10.93 -1.97 12.89
CA SER A 204 10.05 -1.59 13.98
C SER A 204 10.82 -1.37 15.26
N THR A 205 11.89 -0.58 15.20
CA THR A 205 12.74 -0.29 16.34
C THR A 205 12.48 1.12 16.87
N LYS A 206 12.45 1.27 18.19
CA LYS A 206 12.25 2.57 18.82
C LYS A 206 13.09 2.60 20.10
N VAL A 207 14.28 3.17 20.01
CA VAL A 207 15.18 3.23 21.15
C VAL A 207 15.33 4.64 21.72
N ASP A 208 15.65 4.71 23.01
CA ASP A 208 15.85 5.98 23.70
C ASP A 208 17.13 5.90 24.51
N LYS A 209 18.06 6.81 24.28
CA LYS A 209 19.29 6.78 25.03
C LYS A 209 19.54 8.09 25.73
N LYS A 210 19.52 8.03 27.06
CA LYS A 210 19.77 9.20 27.87
C LYS A 210 21.25 9.48 27.77
N ILE A 211 21.63 10.75 27.54
CA ILE A 211 23.05 11.10 27.46
C ILE A 211 23.59 11.33 28.88
N VAL A 212 24.37 10.38 29.39
CA VAL A 212 24.92 10.48 30.73
C VAL A 212 26.34 11.04 30.71
N PRO A 213 26.68 11.94 31.65
CA PRO A 213 28.02 12.52 31.69
C PRO A 213 29.08 11.44 31.92
N GLU B 1 15.35 10.01 -24.17
CA GLU B 1 16.82 10.12 -24.31
C GLU B 1 17.24 11.55 -24.69
N LEU B 2 16.47 12.53 -24.24
CA LEU B 2 16.70 13.95 -24.52
C LEU B 2 17.46 14.54 -23.30
N VAL B 3 18.77 14.70 -23.42
CA VAL B 3 19.56 15.20 -22.31
C VAL B 3 19.45 16.69 -22.00
N MET B 4 19.21 16.99 -20.73
CA MET B 4 19.07 18.35 -20.22
C MET B 4 20.31 18.67 -19.43
N THR B 5 21.11 19.63 -19.89
CA THR B 5 22.32 19.99 -19.15
C THR B 5 22.13 21.29 -18.40
N GLN B 6 22.25 21.23 -17.08
CA GLN B 6 22.12 22.42 -16.27
C GLN B 6 23.48 22.86 -15.75
N THR B 7 23.75 24.15 -15.85
CA THR B 7 25.02 24.65 -15.35
C THR B 7 24.89 26.03 -14.70
N PRO B 8 25.67 26.25 -13.63
CA PRO B 8 26.59 25.22 -13.12
C PRO B 8 25.85 24.25 -12.21
N ALA B 9 26.53 23.23 -11.72
CA ALA B 9 25.90 22.25 -10.83
C ALA B 9 25.66 22.90 -9.48
N ILE B 10 26.62 23.71 -9.06
CA ILE B 10 26.54 24.42 -7.80
C ILE B 10 26.94 25.84 -8.07
N MET B 11 26.27 26.78 -7.42
CA MET B 11 26.63 28.18 -7.55
C MET B 11 26.10 28.88 -6.30
N SER B 12 26.85 29.87 -5.82
CA SER B 12 26.46 30.60 -4.63
C SER B 12 26.15 32.04 -5.00
N ALA B 13 25.27 32.67 -4.22
CA ALA B 13 24.89 34.05 -4.47
C ALA B 13 24.65 34.78 -3.16
N SER B 14 25.07 36.03 -3.10
CA SER B 14 24.89 36.83 -1.92
C SER B 14 23.45 37.34 -1.95
N PRO B 15 22.86 37.63 -0.79
CA PRO B 15 21.48 38.12 -0.86
C PRO B 15 21.40 39.47 -1.62
N GLY B 16 20.36 39.64 -2.44
CA GLY B 16 20.20 40.87 -3.20
C GLY B 16 20.80 40.83 -4.59
N GLU B 17 21.66 39.85 -4.84
CA GLU B 17 22.33 39.69 -6.13
C GLU B 17 21.46 39.01 -7.19
N LYS B 18 21.60 39.43 -8.44
CA LYS B 18 20.81 38.82 -9.51
C LYS B 18 21.37 37.40 -9.71
N VAL B 19 20.50 36.48 -10.12
CA VAL B 19 20.92 35.08 -10.32
C VAL B 19 20.28 34.48 -11.57
N THR B 20 21.09 33.79 -12.36
CA THR B 20 20.61 33.16 -13.58
C THR B 20 21.15 31.74 -13.69
N MET B 21 20.28 30.80 -14.00
CA MET B 21 20.65 29.40 -14.12
C MET B 21 20.25 28.92 -15.52
N THR B 22 21.14 28.18 -16.17
CA THR B 22 20.88 27.73 -17.52
C THR B 22 20.52 26.26 -17.68
N CYS B 23 19.73 25.98 -18.70
CA CYS B 23 19.26 24.64 -19.01
C CYS B 23 19.45 24.46 -20.52
N SER B 24 20.39 23.59 -20.90
CA SER B 24 20.64 23.38 -22.32
C SER B 24 20.12 22.02 -22.77
N ALA B 25 19.29 22.03 -23.80
CA ALA B 25 18.70 20.80 -24.35
C ALA B 25 19.53 20.22 -25.49
N SER B 26 19.63 18.90 -25.51
CA SER B 26 20.39 18.21 -26.55
C SER B 26 19.67 18.34 -27.90
N SER B 27 18.36 18.50 -27.84
CA SER B 27 17.54 18.63 -29.03
C SER B 27 16.52 19.70 -28.70
N SER B 28 16.02 20.41 -29.70
CA SER B 28 15.03 21.44 -29.46
C SER B 28 13.86 20.87 -28.69
N VAL B 29 13.31 21.68 -27.80
CA VAL B 29 12.15 21.30 -27.03
C VAL B 29 11.26 22.55 -27.06
N SER B 30 9.95 22.35 -27.09
CA SER B 30 9.01 23.47 -27.16
C SER B 30 8.70 24.10 -25.82
N SER B 31 8.56 23.28 -24.78
CA SER B 31 8.27 23.80 -23.45
C SER B 31 9.42 23.49 -22.51
N VAL B 32 9.24 23.83 -21.23
CA VAL B 32 10.24 23.60 -20.20
C VAL B 32 9.62 24.03 -18.89
N HIS B 33 9.76 23.20 -17.87
CA HIS B 33 9.23 23.54 -16.58
C HIS B 33 10.42 23.58 -15.65
N TRP B 34 10.28 24.28 -14.51
CA TRP B 34 11.32 24.36 -13.49
C TRP B 34 10.70 23.97 -12.16
N TYR B 35 11.48 23.27 -11.34
CA TYR B 35 11.00 22.86 -10.04
C TYR B 35 11.99 23.29 -8.99
N GLN B 36 11.48 23.58 -7.80
CA GLN B 36 12.36 23.94 -6.70
C GLN B 36 12.24 22.87 -5.65
N GLN B 37 13.37 22.51 -5.06
CA GLN B 37 13.38 21.52 -4.01
C GLN B 37 14.36 21.94 -2.92
N LYS B 38 13.85 22.11 -1.71
CA LYS B 38 14.71 22.48 -0.59
C LYS B 38 15.03 21.21 0.19
N SER B 39 16.08 21.27 0.99
CA SER B 39 16.48 20.11 1.77
C SER B 39 15.37 19.56 2.65
N GLY B 40 15.15 18.26 2.54
CA GLY B 40 14.14 17.59 3.34
C GLY B 40 12.69 17.61 2.85
N THR B 41 12.41 18.36 1.78
CA THR B 41 11.06 18.43 1.24
C THR B 41 10.99 17.91 -0.17
N SER B 42 9.81 17.93 -0.76
CA SER B 42 9.64 17.41 -2.11
C SER B 42 9.68 18.51 -3.17
N PRO B 43 9.92 18.13 -4.42
CA PRO B 43 9.95 19.17 -5.43
C PRO B 43 8.62 19.92 -5.46
N LYS B 44 8.64 21.12 -6.03
CA LYS B 44 7.46 21.94 -6.15
C LYS B 44 7.64 22.68 -7.46
N ARG B 45 6.65 22.58 -8.35
CA ARG B 45 6.79 23.25 -9.64
C ARG B 45 6.98 24.75 -9.39
N TRP B 46 7.95 25.32 -10.09
CA TRP B 46 8.27 26.74 -9.93
C TRP B 46 7.92 27.54 -11.17
N ILE B 47 7.97 26.90 -12.34
CA ILE B 47 7.66 27.57 -13.58
C ILE B 47 7.15 26.60 -14.65
N TYR B 48 6.06 26.98 -15.31
CA TYR B 48 5.53 26.14 -16.39
C TYR B 48 5.46 26.95 -17.70
N ASP B 49 5.42 26.24 -18.83
CA ASP B 49 5.35 26.89 -20.14
C ASP B 49 6.57 27.81 -20.29
N THR B 50 7.73 27.30 -19.89
CA THR B 50 9.02 28.00 -19.93
C THR B 50 9.08 29.37 -19.24
N SER B 51 7.95 30.06 -19.10
CA SER B 51 7.98 31.37 -18.48
C SER B 51 6.82 31.75 -17.57
N LYS B 52 5.80 30.91 -17.43
CA LYS B 52 4.69 31.28 -16.56
C LYS B 52 4.92 30.88 -15.10
N LEU B 53 4.35 31.66 -14.19
CA LEU B 53 4.48 31.39 -12.76
C LEU B 53 3.21 30.87 -12.09
N PRO B 54 3.33 29.81 -11.29
CA PRO B 54 2.17 29.25 -10.61
C PRO B 54 1.93 30.08 -9.35
N SER B 55 0.69 30.14 -8.87
CA SER B 55 0.41 30.92 -7.67
C SER B 55 1.39 30.57 -6.58
N GLY B 56 1.92 31.58 -5.90
CA GLY B 56 2.85 31.32 -4.81
C GLY B 56 4.31 31.52 -5.14
N VAL B 57 4.65 31.66 -6.41
CA VAL B 57 6.05 31.87 -6.76
C VAL B 57 6.34 33.35 -6.89
N PRO B 58 7.25 33.87 -6.03
CA PRO B 58 7.64 35.27 -6.04
C PRO B 58 7.88 35.81 -7.44
N GLY B 59 7.50 37.07 -7.64
CA GLY B 59 7.65 37.70 -8.94
C GLY B 59 9.11 37.95 -9.27
N ARG B 60 9.99 37.82 -8.28
CA ARG B 60 11.40 38.04 -8.52
C ARG B 60 11.94 36.93 -9.43
N PHE B 61 11.19 35.83 -9.46
CA PHE B 61 11.53 34.68 -10.28
C PHE B 61 10.90 34.86 -11.66
N SER B 62 11.62 34.42 -12.70
CA SER B 62 11.12 34.51 -14.07
C SER B 62 11.89 33.51 -14.93
N GLY B 63 11.23 32.97 -15.95
CA GLY B 63 11.89 32.02 -16.83
C GLY B 63 11.82 32.53 -18.25
N SER B 64 12.68 32.01 -19.12
CA SER B 64 12.70 32.41 -20.52
C SER B 64 13.56 31.44 -21.32
N GLY B 65 13.49 31.55 -22.64
CA GLY B 65 14.27 30.67 -23.49
C GLY B 65 13.49 30.12 -24.68
N SER B 66 14.15 29.26 -25.44
CA SER B 66 13.56 28.64 -26.62
C SER B 66 14.58 27.70 -27.25
N GLY B 67 14.12 26.83 -28.15
CA GLY B 67 15.04 25.91 -28.80
C GLY B 67 15.78 25.02 -27.82
N THR B 68 17.09 25.16 -27.77
CA THR B 68 17.89 24.34 -26.87
C THR B 68 18.47 25.12 -25.71
N SER B 69 18.00 26.34 -25.50
CA SER B 69 18.52 27.13 -24.40
C SER B 69 17.45 27.83 -23.57
N TYR B 70 17.37 27.45 -22.30
CA TYR B 70 16.40 28.04 -21.37
C TYR B 70 17.11 28.51 -20.12
N SER B 71 16.46 29.40 -19.35
CA SER B 71 17.09 29.91 -18.13
C SER B 71 16.09 30.35 -17.06
N LEU B 72 16.51 30.27 -15.80
CA LEU B 72 15.70 30.67 -14.65
C LEU B 72 16.47 31.81 -13.99
N THR B 73 15.83 32.96 -13.87
CA THR B 73 16.50 34.12 -13.27
C THR B 73 15.82 34.60 -11.99
N ILE B 74 16.65 35.03 -11.05
CA ILE B 74 16.19 35.58 -9.79
C ILE B 74 16.71 37.02 -9.82
N SER B 75 15.80 37.98 -10.00
CA SER B 75 16.18 39.40 -10.08
C SER B 75 17.04 39.87 -8.91
N SER B 76 16.66 39.42 -7.73
CA SER B 76 17.34 39.78 -6.50
C SER B 76 17.15 38.58 -5.59
N MET B 77 18.23 38.00 -5.11
CA MET B 77 18.10 36.85 -4.25
C MET B 77 17.80 37.13 -2.78
N GLU B 78 17.06 36.24 -2.16
CA GLU B 78 16.78 36.35 -0.74
C GLU B 78 17.25 34.97 -0.22
N ALA B 79 17.73 34.89 1.01
CA ALA B 79 18.24 33.62 1.54
C ALA B 79 17.22 32.47 1.42
N GLU B 80 15.93 32.84 1.40
CA GLU B 80 14.83 31.90 1.29
C GLU B 80 14.83 31.19 -0.09
N ASP B 81 15.59 31.73 -1.05
CA ASP B 81 15.66 31.17 -2.40
C ASP B 81 16.70 30.06 -2.56
N ALA B 82 17.50 29.82 -1.51
CA ALA B 82 18.51 28.77 -1.60
C ALA B 82 17.87 27.39 -1.70
N ALA B 83 18.21 26.66 -2.76
CA ALA B 83 17.63 25.33 -2.99
C ALA B 83 18.23 24.74 -4.27
N THR B 84 17.63 23.67 -4.77
CA THR B 84 18.11 23.08 -6.02
C THR B 84 17.00 23.30 -7.04
N TYR B 85 17.37 23.71 -8.25
CA TYR B 85 16.39 23.96 -9.28
C TYR B 85 16.59 23.00 -10.44
N TYR B 86 15.50 22.35 -10.84
CA TYR B 86 15.51 21.38 -11.92
C TYR B 86 14.67 21.88 -13.10
N CYS B 87 15.18 21.76 -14.31
CA CYS B 87 14.36 22.13 -15.47
C CYS B 87 13.92 20.79 -16.03
N GLN B 88 12.80 20.78 -16.75
CA GLN B 88 12.29 19.55 -17.31
C GLN B 88 11.56 19.80 -18.62
N GLN B 89 11.57 18.81 -19.52
CA GLN B 89 10.86 18.97 -20.79
C GLN B 89 9.86 17.86 -21.05
N TRP B 90 8.76 18.22 -21.73
CA TRP B 90 7.70 17.28 -22.07
C TRP B 90 7.57 17.09 -23.58
N SER B 91 8.49 17.65 -24.34
CA SER B 91 8.44 17.54 -25.80
C SER B 91 8.61 16.13 -26.31
N SER B 92 9.57 15.41 -25.74
CA SER B 92 9.83 14.04 -26.17
C SER B 92 9.60 13.05 -25.05
N ASN B 93 9.60 11.77 -25.41
CA ASN B 93 9.40 10.71 -24.44
C ASN B 93 10.69 9.93 -24.20
N PRO B 94 11.06 9.77 -22.93
CA PRO B 94 10.31 10.28 -21.78
C PRO B 94 10.63 11.71 -21.36
N PRO B 95 9.78 12.30 -20.51
CA PRO B 95 9.96 13.67 -20.02
C PRO B 95 11.13 13.80 -19.06
N THR B 96 12.30 14.05 -19.64
CA THR B 96 13.54 14.17 -18.88
C THR B 96 13.70 15.39 -17.98
N PHE B 97 14.59 15.26 -17.00
CA PHE B 97 14.90 16.34 -16.07
C PHE B 97 16.40 16.62 -16.18
N GLY B 98 16.81 17.81 -15.77
CA GLY B 98 18.22 18.13 -15.78
C GLY B 98 18.72 17.61 -14.44
N ALA B 99 20.03 17.59 -14.23
CA ALA B 99 20.57 17.09 -12.96
C ALA B 99 20.43 18.09 -11.82
N GLY B 100 19.87 19.25 -12.13
CA GLY B 100 19.68 20.27 -11.11
C GLY B 100 20.88 21.16 -10.84
N THR B 101 20.61 22.38 -10.43
CA THR B 101 21.65 23.33 -10.07
C THR B 101 21.41 23.65 -8.61
N LYS B 102 22.43 23.46 -7.79
CA LYS B 102 22.31 23.80 -6.38
C LYS B 102 22.78 25.24 -6.20
N LEU B 103 21.90 26.06 -5.65
CA LEU B 103 22.21 27.45 -5.44
C LEU B 103 22.58 27.68 -3.98
N GLU B 104 23.85 27.90 -3.73
CA GLU B 104 24.31 28.15 -2.38
C GLU B 104 24.16 29.65 -2.10
N VAL B 105 24.01 30.02 -0.83
CA VAL B 105 23.92 31.42 -0.45
C VAL B 105 25.24 31.81 0.20
N LYS B 106 25.89 32.85 -0.32
CA LYS B 106 27.16 33.28 0.23
C LYS B 106 26.96 34.10 1.50
N ARG B 107 27.98 34.12 2.36
CA ARG B 107 27.94 34.86 3.62
C ARG B 107 29.37 34.93 4.15
N ALA B 108 29.60 35.79 5.14
CA ALA B 108 30.94 35.92 5.71
C ALA B 108 31.46 34.57 6.20
N ASP B 109 32.77 34.40 6.18
CA ASP B 109 33.39 33.16 6.63
C ASP B 109 33.12 33.01 8.13
N ALA B 110 32.78 31.80 8.57
CA ALA B 110 32.52 31.51 9.99
C ALA B 110 33.31 30.26 10.40
N ALA B 111 34.05 30.37 11.49
CA ALA B 111 34.85 29.26 11.97
C ALA B 111 33.97 28.16 12.55
N PRO B 112 34.40 26.90 12.42
CA PRO B 112 33.63 25.77 12.93
C PRO B 112 33.83 25.49 14.42
N THR B 113 32.76 25.04 15.07
CA THR B 113 32.81 24.68 16.49
C THR B 113 33.13 23.18 16.45
N VAL B 114 34.20 22.77 17.11
CA VAL B 114 34.59 21.38 17.12
C VAL B 114 34.33 20.67 18.45
N SER B 115 33.79 19.47 18.37
CA SER B 115 33.49 18.64 19.52
C SER B 115 33.92 17.21 19.22
N ILE B 116 34.59 16.58 20.17
CA ILE B 116 35.07 15.20 20.03
C ILE B 116 34.41 14.32 21.10
N PHE B 117 34.11 13.08 20.76
CA PHE B 117 33.46 12.18 21.72
C PHE B 117 34.05 10.79 21.77
N PRO B 118 34.51 10.35 22.96
CA PRO B 118 35.09 9.02 23.17
C PRO B 118 34.00 7.97 22.98
N PRO B 119 34.39 6.69 22.78
CA PRO B 119 33.38 5.65 22.62
C PRO B 119 32.52 5.58 23.88
N SER B 120 31.27 5.17 23.77
CA SER B 120 30.42 5.06 24.94
C SER B 120 30.62 3.72 25.62
N SER B 121 30.09 3.58 26.83
CA SER B 121 30.18 2.34 27.58
C SER B 121 29.46 1.24 26.84
N GLU B 122 28.18 1.46 26.56
CA GLU B 122 27.37 0.50 25.82
C GLU B 122 28.16 -0.06 24.64
N GLN B 123 28.76 0.82 23.85
CA GLN B 123 29.52 0.36 22.70
C GLN B 123 30.75 -0.47 23.11
N LEU B 124 31.65 0.09 23.91
CA LEU B 124 32.84 -0.63 24.36
C LEU B 124 32.50 -2.01 24.95
N THR B 125 31.22 -2.23 25.27
CA THR B 125 30.77 -3.50 25.83
C THR B 125 30.40 -4.50 24.72
N SER B 126 30.61 -4.09 23.47
CA SER B 126 30.33 -4.93 22.32
C SER B 126 31.58 -5.05 21.47
N GLY B 127 32.69 -4.60 22.03
CA GLY B 127 33.96 -4.65 21.32
C GLY B 127 34.14 -3.50 20.37
N GLY B 128 33.11 -2.67 20.24
CA GLY B 128 33.19 -1.54 19.34
C GLY B 128 33.77 -0.31 19.98
N ALA B 129 34.28 0.60 19.17
CA ALA B 129 34.84 1.83 19.67
C ALA B 129 34.89 2.84 18.52
N SER B 130 33.83 3.64 18.40
CA SER B 130 33.77 4.66 17.37
C SER B 130 34.03 6.01 18.03
N VAL B 131 34.98 6.75 17.46
CA VAL B 131 35.30 8.07 17.97
C VAL B 131 34.61 9.03 17.00
N VAL B 132 33.81 9.94 17.54
CA VAL B 132 33.06 10.85 16.71
C VAL B 132 33.51 12.28 16.89
N CYS B 133 33.42 13.05 15.82
CA CYS B 133 33.82 14.44 15.87
C CYS B 133 32.88 15.31 15.07
N PHE B 134 32.36 16.35 15.72
CA PHE B 134 31.44 17.27 15.06
C PHE B 134 32.05 18.65 14.78
N LEU B 135 31.89 19.14 13.55
CA LEU B 135 32.36 20.48 13.14
C LEU B 135 31.09 21.23 12.77
N ASN B 136 30.53 22.00 13.70
CA ASN B 136 29.27 22.70 13.45
C ASN B 136 29.32 24.19 13.05
N ASN B 137 28.33 24.58 12.26
CA ASN B 137 28.11 25.96 11.80
C ASN B 137 29.31 26.77 11.26
N PHE B 138 29.90 26.30 10.16
CA PHE B 138 31.03 26.98 9.54
C PHE B 138 30.72 27.38 8.09
N TYR B 139 31.58 28.20 7.52
CA TYR B 139 31.44 28.64 6.14
C TYR B 139 32.74 29.29 5.75
N PRO B 140 33.25 29.00 4.53
CA PRO B 140 32.71 28.13 3.46
C PRO B 140 32.62 26.64 3.78
N LYS B 141 31.80 25.94 3.00
CA LYS B 141 31.59 24.49 3.17
C LYS B 141 32.86 23.67 3.09
N ASP B 142 33.74 24.00 2.16
CA ASP B 142 34.98 23.26 2.00
C ASP B 142 35.84 23.37 3.26
N ILE B 143 36.10 22.21 3.86
CA ILE B 143 36.89 22.12 5.08
C ILE B 143 37.55 20.74 5.11
N ASN B 144 38.43 20.49 6.05
CA ASN B 144 39.06 19.19 6.13
C ASN B 144 39.44 18.74 7.53
N VAL B 145 38.97 17.55 7.90
CA VAL B 145 39.24 16.98 9.21
C VAL B 145 40.42 16.02 9.15
N LYS B 146 41.15 15.95 10.25
CA LYS B 146 42.31 15.06 10.34
C LYS B 146 42.31 14.36 11.69
N TRP B 147 42.37 13.04 11.65
CA TRP B 147 42.40 12.25 12.87
C TRP B 147 43.85 11.92 13.23
N LYS B 148 44.10 11.84 14.53
CA LYS B 148 45.43 11.51 15.02
C LYS B 148 45.31 10.71 16.30
N ILE B 149 45.95 9.55 16.32
CA ILE B 149 45.95 8.72 17.51
C ILE B 149 47.40 8.67 17.94
N ASP B 150 47.63 9.07 19.18
CA ASP B 150 48.98 9.12 19.73
C ASP B 150 49.90 9.92 18.78
N GLY B 151 49.43 11.09 18.37
CA GLY B 151 50.23 11.95 17.51
C GLY B 151 50.52 11.50 16.09
N SER B 152 49.79 10.50 15.58
CA SER B 152 50.04 10.05 14.22
C SER B 152 48.73 9.98 13.44
N GLU B 153 48.66 10.76 12.36
CA GLU B 153 47.46 10.79 11.51
C GLU B 153 46.91 9.40 11.21
N ARG B 154 45.79 9.07 11.85
CA ARG B 154 45.16 7.76 11.67
C ARG B 154 44.34 7.78 10.40
N GLN B 155 44.95 8.27 9.33
CA GLN B 155 44.26 8.32 8.09
C GLN B 155 43.01 7.58 7.63
N ASN B 156 43.10 6.31 7.24
CA ASN B 156 41.96 5.55 6.69
C ASN B 156 41.01 4.85 7.67
N GLY B 157 39.75 4.70 7.26
CA GLY B 157 38.76 4.07 8.13
C GLY B 157 37.86 5.13 8.73
N VAL B 158 37.76 6.26 8.04
CA VAL B 158 36.97 7.39 8.49
C VAL B 158 35.76 7.66 7.61
N LEU B 159 34.60 7.88 8.23
CA LEU B 159 33.38 8.17 7.50
C LEU B 159 32.92 9.59 7.81
N ASN B 160 32.85 10.43 6.78
CA ASN B 160 32.43 11.81 6.94
C ASN B 160 31.05 12.07 6.32
N SER B 161 30.36 13.07 6.84
CA SER B 161 29.03 13.40 6.33
C SER B 161 28.71 14.87 6.57
N TRP B 162 28.18 15.52 5.54
CA TRP B 162 27.82 16.95 5.57
C TRP B 162 26.32 17.15 5.57
N THR B 163 25.88 18.22 6.21
CA THR B 163 24.47 18.56 6.24
C THR B 163 24.32 19.56 5.14
N ASP B 164 23.10 19.84 4.72
CA ASP B 164 22.92 20.84 3.68
C ASP B 164 23.12 22.18 4.35
N GLN B 165 23.14 23.25 3.57
CA GLN B 165 23.32 24.58 4.13
C GLN B 165 22.17 24.88 5.08
N ASP B 166 22.48 25.31 6.30
CA ASP B 166 21.44 25.60 7.29
C ASP B 166 20.54 26.70 6.75
N SER B 167 19.24 26.51 6.92
CA SER B 167 18.26 27.48 6.43
C SER B 167 18.19 28.73 7.31
N LYS B 168 18.63 28.60 8.56
CA LYS B 168 18.61 29.71 9.50
C LYS B 168 19.82 30.64 9.41
N ASP B 169 21.02 30.09 9.62
CA ASP B 169 22.26 30.87 9.62
C ASP B 169 23.13 30.69 8.37
N SER B 170 22.64 29.88 7.44
CA SER B 170 23.35 29.66 6.19
C SER B 170 24.73 29.00 6.31
N THR B 171 25.00 28.30 7.40
CA THR B 171 26.29 27.64 7.54
C THR B 171 26.22 26.13 7.23
N TYR B 172 27.33 25.45 7.47
CA TYR B 172 27.45 24.01 7.21
C TYR B 172 27.94 23.30 8.46
N SER B 173 27.65 22.02 8.54
CA SER B 173 28.10 21.20 9.66
C SER B 173 28.57 19.89 9.07
N MET B 174 29.47 19.22 9.76
CA MET B 174 29.93 17.93 9.28
C MET B 174 30.27 17.01 10.43
N SER B 175 30.27 15.72 10.15
CA SER B 175 30.58 14.74 11.16
C SER B 175 31.65 13.80 10.62
N SER B 176 32.61 13.47 11.48
CA SER B 176 33.68 12.56 11.11
C SER B 176 33.69 11.42 12.12
N THR B 177 33.66 10.19 11.65
CA THR B 177 33.65 9.04 12.55
C THR B 177 34.69 7.99 12.20
N LEU B 178 35.62 7.78 13.12
CA LEU B 178 36.69 6.81 12.94
C LEU B 178 36.29 5.58 13.75
N THR B 179 36.08 4.45 13.08
CA THR B 179 35.70 3.26 13.82
C THR B 179 36.86 2.26 13.98
N LEU B 180 37.02 1.82 15.22
CA LEU B 180 38.09 0.91 15.60
C LEU B 180 37.49 -0.24 16.39
N THR B 181 38.32 -1.20 16.77
CA THR B 181 37.86 -2.34 17.57
C THR B 181 38.22 -2.00 19.00
N LYS B 182 37.39 -2.43 19.94
CA LYS B 182 37.66 -2.17 21.35
C LYS B 182 39.14 -2.37 21.67
N ASP B 183 39.71 -3.49 21.22
CA ASP B 183 41.11 -3.74 21.48
C ASP B 183 42.08 -2.73 20.88
N GLU B 184 41.91 -2.33 19.62
CA GLU B 184 42.86 -1.35 19.09
C GLU B 184 42.69 -0.01 19.80
N TYR B 185 41.47 0.28 20.24
CA TYR B 185 41.21 1.54 20.94
C TYR B 185 41.97 1.62 22.26
N GLU B 186 41.93 0.54 23.02
CA GLU B 186 42.61 0.51 24.32
C GLU B 186 44.10 0.33 24.18
N ARG B 187 44.59 0.32 22.95
CA ARG B 187 46.00 0.13 22.68
C ARG B 187 46.68 1.48 22.45
N HIS B 188 45.88 2.54 22.38
CA HIS B 188 46.40 3.88 22.15
C HIS B 188 45.89 4.87 23.20
N ASN B 189 46.43 6.10 23.22
CA ASN B 189 45.97 7.05 24.23
C ASN B 189 45.52 8.42 23.79
N SER B 190 46.27 9.07 22.89
CA SER B 190 45.90 10.39 22.40
C SER B 190 45.00 10.31 21.18
N TYR B 191 43.83 10.92 21.29
CA TYR B 191 42.86 10.94 20.18
C TYR B 191 42.57 12.40 19.89
N THR B 192 42.99 12.86 18.72
CA THR B 192 42.78 14.24 18.34
C THR B 192 42.02 14.39 17.05
N CYS B 193 41.14 15.38 17.03
CA CYS B 193 40.33 15.68 15.86
C CYS B 193 40.78 17.08 15.42
N GLU B 194 41.50 17.13 14.31
CA GLU B 194 42.06 18.37 13.76
C GLU B 194 41.30 18.90 12.53
N ALA B 195 40.76 20.10 12.64
CA ALA B 195 39.99 20.71 11.55
C ALA B 195 40.64 21.95 10.91
N THR B 196 40.84 21.90 9.59
CA THR B 196 41.45 23.03 8.89
C THR B 196 40.43 23.68 7.97
N HIS B 197 40.02 24.89 8.33
CA HIS B 197 39.06 25.65 7.57
C HIS B 197 39.71 26.93 7.05
N LYS B 198 38.90 27.84 6.52
CA LYS B 198 39.40 29.11 6.00
C LYS B 198 39.50 30.16 7.11
N THR B 199 38.79 29.94 8.20
CA THR B 199 38.72 30.87 9.33
C THR B 199 39.92 30.93 10.28
N SER B 200 40.96 30.16 10.01
CA SER B 200 42.13 30.19 10.87
C SER B 200 43.38 29.63 10.21
N THR B 201 44.48 30.35 10.39
CA THR B 201 45.77 29.98 9.84
C THR B 201 46.16 28.59 10.38
N SER B 202 46.11 28.43 11.70
CA SER B 202 46.43 27.16 12.34
C SER B 202 45.13 26.34 12.49
N PRO B 203 45.24 25.00 12.40
CA PRO B 203 44.04 24.17 12.54
C PRO B 203 43.42 24.21 13.93
N ILE B 204 42.10 24.09 13.98
CA ILE B 204 41.38 24.09 15.25
C ILE B 204 41.43 22.65 15.76
N VAL B 205 42.11 22.44 16.89
CA VAL B 205 42.27 21.11 17.47
C VAL B 205 41.32 20.86 18.64
N LYS B 206 41.00 19.59 18.84
CA LYS B 206 40.12 19.17 19.93
C LYS B 206 40.54 17.74 20.19
N SER B 207 40.73 17.39 21.45
CA SER B 207 41.16 16.03 21.73
C SER B 207 41.05 15.57 23.17
N PHE B 208 40.62 14.33 23.35
CA PHE B 208 40.54 13.76 24.69
C PHE B 208 41.69 12.81 24.91
N ASN B 209 41.85 12.40 26.15
CA ASN B 209 42.90 11.48 26.53
C ASN B 209 42.16 10.29 27.10
N ARG B 210 42.39 9.11 26.55
CA ARG B 210 41.72 7.91 27.04
C ARG B 210 41.98 7.71 28.53
N ASN B 211 43.02 8.39 29.02
CA ASN B 211 43.47 8.33 30.41
C ASN B 211 44.31 7.09 30.61
N GLN C 1 -12.20 0.51 12.20
CA GLN C 1 -11.07 -0.24 12.85
C GLN C 1 -9.97 -0.55 11.85
N LEU C 2 -10.21 -1.46 10.90
CA LEU C 2 -9.18 -1.74 9.91
C LEU C 2 -9.64 -1.93 8.47
N LEU C 3 -8.84 -1.38 7.56
CA LEU C 3 -9.13 -1.42 6.12
C LEU C 3 -7.88 -1.81 5.31
N GLU C 4 -8.05 -2.75 4.38
CA GLU C 4 -6.95 -3.22 3.54
C GLU C 4 -6.93 -2.49 2.22
N SER C 5 -5.73 -2.24 1.68
CA SER C 5 -5.63 -1.55 0.39
C SER C 5 -4.40 -1.99 -0.38
N GLY C 6 -4.52 -1.98 -1.70
CA GLY C 6 -3.41 -2.37 -2.56
C GLY C 6 -3.89 -2.72 -3.95
N PRO C 7 -2.98 -2.86 -4.92
CA PRO C 7 -3.38 -3.20 -6.29
C PRO C 7 -4.19 -4.49 -6.35
N ASP C 8 -5.06 -4.57 -7.36
CA ASP C 8 -5.95 -5.71 -7.57
C ASP C 8 -5.30 -6.87 -8.33
N LEU C 9 -4.65 -6.58 -9.45
CA LEU C 9 -4.02 -7.58 -10.30
C LEU C 9 -2.51 -7.57 -10.16
N VAL C 10 -1.91 -8.72 -9.91
CA VAL C 10 -0.45 -8.80 -9.81
C VAL C 10 -0.01 -9.99 -10.65
N LYS C 11 1.05 -9.79 -11.43
CA LYS C 11 1.55 -10.82 -12.32
C LYS C 11 2.23 -11.99 -11.60
N PRO C 12 2.12 -13.19 -12.17
CA PRO C 12 2.76 -14.34 -11.54
C PRO C 12 4.27 -14.14 -11.50
N SER C 13 4.91 -14.66 -10.46
CA SER C 13 6.35 -14.55 -10.23
C SER C 13 6.68 -13.25 -9.53
N GLN C 14 5.77 -12.29 -9.58
CA GLN C 14 5.99 -11.00 -8.94
C GLN C 14 5.67 -11.06 -7.46
N SER C 15 5.59 -9.88 -6.84
CA SER C 15 5.31 -9.78 -5.43
C SER C 15 3.96 -9.14 -5.21
N LEU C 16 3.30 -9.56 -4.14
CA LEU C 16 1.98 -9.10 -3.71
C LEU C 16 2.17 -8.20 -2.49
N SER C 17 1.56 -7.03 -2.47
CA SER C 17 1.71 -6.12 -1.32
C SER C 17 0.38 -5.49 -0.95
N LEU C 18 0.12 -5.38 0.35
CA LEU C 18 -1.11 -4.78 0.83
C LEU C 18 -0.84 -3.96 2.06
N THR C 19 -1.69 -2.96 2.28
CA THR C 19 -1.56 -2.11 3.45
C THR C 19 -2.84 -2.21 4.25
N CYS C 20 -2.67 -2.21 5.56
CA CYS C 20 -3.78 -2.25 6.50
C CYS C 20 -3.59 -1.00 7.34
N THR C 21 -4.56 -0.09 7.23
CA THR C 21 -4.53 1.16 7.99
C THR C 21 -5.51 0.99 9.14
N VAL C 22 -4.99 1.07 10.35
CA VAL C 22 -5.79 0.92 11.55
C VAL C 22 -6.21 2.29 12.08
N THR C 23 -7.41 2.37 12.66
CA THR C 23 -7.88 3.62 13.25
C THR C 23 -8.64 3.33 14.53
N GLY C 24 -8.41 4.15 15.54
CA GLY C 24 -9.08 3.96 16.82
C GLY C 24 -8.23 3.25 17.85
N TYR C 25 -6.99 2.93 17.50
CA TYR C 25 -6.11 2.27 18.44
C TYR C 25 -4.71 2.17 17.85
N SER C 26 -3.70 2.33 18.70
CA SER C 26 -2.32 2.29 18.25
C SER C 26 -1.83 0.85 18.12
N ILE C 27 -1.42 0.47 16.92
CA ILE C 27 -0.93 -0.88 16.66
C ILE C 27 0.32 -1.22 17.47
N THR C 28 0.86 -0.24 18.19
CA THR C 28 2.06 -0.47 19.00
C THR C 28 1.71 -0.63 20.47
N SER C 29 0.48 -0.30 20.81
CA SER C 29 0.00 -0.42 22.18
C SER C 29 -0.27 -1.87 22.54
N GLY C 30 -1.10 -2.53 21.73
CA GLY C 30 -1.42 -3.93 22.01
C GLY C 30 -2.02 -4.70 20.85
N TYR C 31 -2.40 -5.94 21.14
CA TYR C 31 -2.99 -6.85 20.17
C TYR C 31 -1.95 -7.48 19.25
N ASN C 32 -2.39 -8.51 18.55
CA ASN C 32 -1.59 -9.21 17.56
C ASN C 32 -2.28 -8.77 16.28
N TRP C 33 -1.50 -8.43 15.26
CA TRP C 33 -2.08 -7.99 14.00
C TRP C 33 -1.75 -9.00 12.91
N HIS C 34 -2.78 -9.70 12.46
CA HIS C 34 -2.65 -10.76 11.47
C HIS C 34 -3.03 -10.41 10.05
N TRP C 35 -2.64 -11.31 9.14
CA TRP C 35 -2.97 -11.24 7.73
C TRP C 35 -3.57 -12.63 7.51
N ILE C 36 -4.77 -12.68 6.98
CA ILE C 36 -5.45 -13.95 6.79
C ILE C 36 -6.10 -13.90 5.43
N ARG C 37 -5.97 -14.97 4.64
CA ARG C 37 -6.59 -14.98 3.32
C ARG C 37 -7.55 -16.15 3.12
N GLN C 38 -8.47 -15.97 2.17
CA GLN C 38 -9.46 -16.98 1.83
C GLN C 38 -9.45 -17.17 0.32
N PHE C 39 -9.21 -18.41 -0.10
CA PHE C 39 -9.13 -18.74 -1.51
C PHE C 39 -10.50 -18.97 -2.10
N PRO C 40 -10.60 -18.93 -3.43
CA PRO C 40 -11.92 -19.18 -4.04
C PRO C 40 -12.23 -20.64 -3.71
N GLY C 41 -13.32 -20.85 -2.99
CA GLY C 41 -13.67 -22.20 -2.58
C GLY C 41 -13.96 -22.08 -1.09
N ASN C 42 -13.55 -20.95 -0.53
CA ASN C 42 -13.76 -20.60 0.87
C ASN C 42 -12.75 -21.14 1.87
N LYS C 43 -11.73 -21.80 1.37
CA LYS C 43 -10.70 -22.35 2.23
C LYS C 43 -9.95 -21.18 2.87
N LEU C 44 -9.72 -21.25 4.17
CA LEU C 44 -9.03 -20.20 4.91
C LEU C 44 -7.61 -20.60 5.32
N GLU C 45 -6.74 -19.61 5.39
CA GLU C 45 -5.37 -19.83 5.78
C GLU C 45 -4.76 -18.62 6.48
N TRP C 46 -4.28 -18.84 7.70
CA TRP C 46 -3.66 -17.79 8.46
C TRP C 46 -2.27 -17.62 7.84
N MET C 47 -1.84 -16.37 7.67
CA MET C 47 -0.54 -16.10 7.07
C MET C 47 0.53 -15.68 8.06
N GLY C 48 0.18 -14.85 9.02
CA GLY C 48 1.14 -14.41 10.02
C GLY C 48 0.71 -13.18 10.77
N TYR C 49 1.53 -12.74 11.71
CA TYR C 49 1.20 -11.54 12.47
C TYR C 49 2.42 -10.81 13.02
N ILE C 50 2.20 -9.57 13.41
CA ILE C 50 3.25 -8.75 14.00
C ILE C 50 2.73 -8.35 15.38
N HIS C 51 3.59 -8.37 16.38
CA HIS C 51 3.19 -8.01 17.75
C HIS C 51 3.15 -6.49 17.89
N TYR C 52 3.32 -5.98 19.12
CA TYR C 52 3.33 -4.54 19.31
C TYR C 52 4.78 -4.10 19.58
N ARG C 53 5.73 -4.91 19.10
CA ARG C 53 7.16 -4.64 19.24
C ARG C 53 7.96 -5.03 17.99
N GLY C 54 7.27 -5.20 16.86
CA GLY C 54 7.91 -5.58 15.62
C GLY C 54 8.18 -7.08 15.48
N THR C 55 7.95 -7.82 16.55
CA THR C 55 8.16 -9.27 16.54
C THR C 55 7.13 -9.91 15.63
N THR C 56 7.56 -10.79 14.74
CA THR C 56 6.63 -11.43 13.84
C THR C 56 6.55 -12.93 14.04
N ASN C 57 5.55 -13.53 13.41
CA ASN C 57 5.33 -14.98 13.48
C ASN C 57 4.64 -15.32 12.17
N TYR C 58 5.27 -16.20 11.40
CA TYR C 58 4.72 -16.58 10.10
C TYR C 58 4.29 -18.03 9.97
N ASN C 59 3.41 -18.27 9.01
CA ASN C 59 2.94 -19.62 8.74
C ASN C 59 4.14 -20.31 8.07
N THR C 60 4.60 -21.39 8.68
CA THR C 60 5.75 -22.17 8.19
C THR C 60 5.84 -22.37 6.68
N SER C 61 4.71 -22.74 6.07
CA SER C 61 4.68 -23.00 4.64
C SER C 61 4.79 -21.75 3.78
N LEU C 62 4.88 -20.60 4.42
CA LEU C 62 5.02 -19.33 3.71
C LEU C 62 6.29 -18.60 4.13
N LYS C 63 6.89 -19.07 5.22
CA LYS C 63 8.09 -18.47 5.79
C LYS C 63 9.14 -17.93 4.81
N SER C 64 9.31 -18.56 3.66
CA SER C 64 10.32 -18.08 2.71
C SER C 64 9.85 -16.99 1.72
N ARG C 65 8.55 -16.77 1.61
CA ARG C 65 8.03 -15.77 0.68
C ARG C 65 7.34 -14.61 1.37
N ILE C 66 7.10 -14.72 2.67
CA ILE C 66 6.38 -13.68 3.36
C ILE C 66 7.19 -12.71 4.22
N SER C 67 6.63 -11.53 4.42
CA SER C 67 7.23 -10.49 5.23
C SER C 67 6.13 -9.57 5.72
N ILE C 68 6.15 -9.28 7.01
CA ILE C 68 5.15 -8.39 7.59
C ILE C 68 5.93 -7.30 8.29
N THR C 69 5.61 -6.06 7.98
CA THR C 69 6.30 -4.94 8.59
C THR C 69 5.30 -3.83 8.89
N ARG C 70 5.74 -2.79 9.57
CA ARG C 70 4.83 -1.71 9.91
C ARG C 70 5.44 -0.32 9.92
N ASP C 71 4.58 0.67 10.03
CA ASP C 71 4.99 2.06 10.08
C ASP C 71 4.20 2.67 11.23
N SER C 72 4.78 2.62 12.43
CA SER C 72 4.15 3.15 13.63
C SER C 72 3.53 4.52 13.40
N SER C 73 4.36 5.47 12.98
CA SER C 73 3.89 6.83 12.74
C SER C 73 2.57 6.92 11.98
N LYS C 74 2.36 6.05 10.99
CA LYS C 74 1.12 6.09 10.23
C LYS C 74 0.06 5.10 10.67
N ASN C 75 0.34 4.35 11.72
CA ASN C 75 -0.60 3.38 12.26
C ASN C 75 -1.08 2.38 11.20
N GLN C 76 -0.13 1.78 10.49
CA GLN C 76 -0.44 0.79 9.47
C GLN C 76 0.65 -0.26 9.40
N PHE C 77 0.28 -1.46 8.98
CA PHE C 77 1.26 -2.51 8.81
C PHE C 77 1.07 -3.10 7.43
N PHE C 78 2.11 -3.71 6.88
CA PHE C 78 2.05 -4.24 5.52
C PHE C 78 2.27 -5.73 5.38
N LEU C 79 1.92 -6.22 4.19
CA LEU C 79 2.09 -7.61 3.83
C LEU C 79 2.75 -7.73 2.47
N GLN C 80 3.81 -8.53 2.39
CA GLN C 80 4.47 -8.76 1.12
C GLN C 80 4.58 -10.26 0.91
N LEU C 81 4.04 -10.75 -0.20
CA LEU C 81 4.14 -12.18 -0.50
C LEU C 81 4.90 -12.26 -1.82
N ASN C 82 6.11 -12.79 -1.77
CA ASN C 82 6.95 -12.90 -2.95
C ASN C 82 6.68 -14.10 -3.84
N SER C 83 7.11 -13.99 -5.10
CA SER C 83 6.96 -15.07 -6.06
C SER C 83 5.56 -15.67 -6.07
N VAL C 84 4.55 -14.84 -6.29
CA VAL C 84 3.18 -15.35 -6.32
C VAL C 84 2.92 -16.20 -7.56
N THR C 85 1.90 -17.05 -7.44
CA THR C 85 1.46 -17.94 -8.49
C THR C 85 -0.06 -17.80 -8.49
N THR C 86 -0.72 -18.28 -9.52
CA THR C 86 -2.17 -18.18 -9.56
C THR C 86 -2.82 -18.73 -8.28
N GLU C 87 -2.20 -19.71 -7.63
CA GLU C 87 -2.78 -20.26 -6.40
C GLU C 87 -2.79 -19.24 -5.26
N ASP C 88 -2.26 -18.04 -5.50
CA ASP C 88 -2.26 -17.02 -4.46
C ASP C 88 -3.43 -16.06 -4.63
N THR C 89 -4.27 -16.32 -5.64
CA THR C 89 -5.45 -15.50 -5.87
C THR C 89 -6.37 -15.75 -4.70
N ALA C 90 -6.72 -14.70 -3.97
CA ALA C 90 -7.60 -14.84 -2.82
C ALA C 90 -8.09 -13.50 -2.28
N THR C 91 -8.91 -13.56 -1.23
CA THR C 91 -9.40 -12.36 -0.58
C THR C 91 -8.50 -12.24 0.61
N TYR C 92 -7.82 -11.10 0.75
CA TYR C 92 -6.92 -10.90 1.86
C TYR C 92 -7.56 -10.03 2.92
N TYR C 93 -7.53 -10.53 4.15
CA TYR C 93 -8.10 -9.81 5.28
C TYR C 93 -7.01 -9.48 6.25
N CYS C 94 -7.12 -8.34 6.93
CA CYS C 94 -6.17 -8.03 7.99
C CYS C 94 -6.98 -8.00 9.27
N ALA C 95 -6.33 -8.22 10.39
CA ALA C 95 -7.08 -8.25 11.63
C ALA C 95 -6.19 -8.26 12.86
N CYS C 96 -6.77 -7.86 13.98
CA CYS C 96 -6.06 -7.85 15.26
C CYS C 96 -6.92 -8.60 16.27
N ASP C 97 -6.27 -9.12 17.31
CA ASP C 97 -6.99 -9.86 18.32
C ASP C 97 -6.10 -10.03 19.52
N ASP C 98 -6.73 -10.10 20.68
CA ASP C 98 -6.06 -10.33 21.97
C ASP C 98 -6.76 -11.57 22.49
N PHE C 99 -6.82 -11.72 23.81
CA PHE C 99 -7.51 -12.87 24.39
C PHE C 99 -9.02 -12.56 24.34
N TYR C 100 -9.74 -13.38 23.57
CA TYR C 100 -11.19 -13.27 23.34
C TYR C 100 -11.75 -11.93 22.84
N SER C 101 -11.09 -11.39 21.82
CA SER C 101 -11.48 -10.14 21.16
C SER C 101 -10.81 -10.16 19.79
N ASP C 102 -11.57 -9.90 18.74
CA ASP C 102 -11.02 -9.91 17.40
C ASP C 102 -11.71 -8.91 16.51
N TYR C 103 -10.96 -8.30 15.62
CA TYR C 103 -11.50 -7.31 14.69
C TYR C 103 -10.94 -7.59 13.31
N TRP C 104 -11.80 -7.50 12.30
CA TRP C 104 -11.38 -7.75 10.93
C TRP C 104 -11.66 -6.60 9.98
N GLY C 105 -11.05 -6.67 8.81
CA GLY C 105 -11.27 -5.66 7.80
C GLY C 105 -12.31 -6.23 6.86
N GLN C 106 -12.71 -5.45 5.86
CA GLN C 106 -13.72 -5.90 4.89
C GLN C 106 -13.13 -6.95 3.96
N GLY C 107 -11.81 -6.95 3.81
CA GLY C 107 -11.16 -7.90 2.93
C GLY C 107 -11.01 -7.31 1.54
N THR C 108 -9.89 -7.60 0.89
CA THR C 108 -9.65 -7.10 -0.45
C THR C 108 -9.16 -8.20 -1.39
N ILE C 109 -9.78 -8.31 -2.55
CA ILE C 109 -9.43 -9.32 -3.53
C ILE C 109 -8.17 -9.00 -4.31
N VAL C 110 -7.34 -10.01 -4.50
CA VAL C 110 -6.12 -9.85 -5.26
C VAL C 110 -6.07 -11.02 -6.21
N THR C 111 -5.92 -10.74 -7.49
CA THR C 111 -5.88 -11.79 -8.49
C THR C 111 -4.45 -11.91 -9.04
N VAL C 112 -3.92 -13.13 -9.09
CA VAL C 112 -2.60 -13.32 -9.64
C VAL C 112 -2.87 -13.96 -10.98
N SER C 113 -2.59 -13.21 -12.06
CA SER C 113 -2.85 -13.71 -13.40
C SER C 113 -2.06 -12.98 -14.49
N SER C 114 -1.73 -13.73 -15.55
CA SER C 114 -1.01 -13.21 -16.70
C SER C 114 -2.02 -12.49 -17.59
N ALA C 115 -3.29 -12.82 -17.36
CA ALA C 115 -4.38 -12.21 -18.12
C ALA C 115 -4.34 -10.70 -17.95
N LYS C 116 -4.96 -9.98 -18.88
CA LYS C 116 -4.97 -8.53 -18.79
C LYS C 116 -6.34 -7.95 -18.46
N THR C 117 -6.33 -6.82 -17.76
CA THR C 117 -7.54 -6.13 -17.36
C THR C 117 -8.44 -5.85 -18.56
N THR C 118 -9.73 -6.11 -18.39
CA THR C 118 -10.70 -5.89 -19.46
C THR C 118 -11.96 -5.32 -18.84
N PRO C 119 -12.44 -4.18 -19.34
CA PRO C 119 -13.65 -3.56 -18.81
C PRO C 119 -14.82 -4.46 -19.14
N PRO C 120 -15.92 -4.31 -18.40
CA PRO C 120 -17.09 -5.15 -18.69
C PRO C 120 -18.04 -4.42 -19.62
N SER C 121 -18.96 -5.16 -20.25
CA SER C 121 -19.95 -4.55 -21.12
C SER C 121 -21.26 -4.71 -20.37
N VAL C 122 -21.94 -3.61 -20.07
CA VAL C 122 -23.19 -3.65 -19.35
C VAL C 122 -24.37 -3.60 -20.30
N TYR C 123 -25.20 -4.63 -20.28
CA TYR C 123 -26.37 -4.70 -21.15
C TYR C 123 -27.65 -4.71 -20.31
N PRO C 124 -28.68 -3.96 -20.74
CA PRO C 124 -29.96 -3.89 -20.03
C PRO C 124 -30.81 -5.12 -20.37
N LEU C 125 -31.55 -5.62 -19.39
CA LEU C 125 -32.40 -6.77 -19.62
C LEU C 125 -33.83 -6.32 -19.35
N ALA C 126 -34.57 -6.10 -20.43
CA ALA C 126 -35.94 -5.68 -20.34
C ALA C 126 -36.79 -6.87 -20.77
N PRO C 127 -37.96 -7.03 -20.16
CA PRO C 127 -38.85 -8.15 -20.49
C PRO C 127 -39.05 -8.35 -22.01
N GLY C 128 -39.28 -9.59 -22.42
CA GLY C 128 -39.45 -9.88 -23.84
C GLY C 128 -40.84 -9.55 -24.36
N MET C 136 -45.81 -6.45 -10.45
CA MET C 136 -44.48 -6.88 -10.01
C MET C 136 -43.59 -7.23 -11.19
N VAL C 137 -42.88 -6.23 -11.69
CA VAL C 137 -41.98 -6.42 -12.84
C VAL C 137 -40.53 -6.73 -12.44
N THR C 138 -39.91 -7.65 -13.17
CA THR C 138 -38.53 -8.02 -12.93
C THR C 138 -37.68 -7.51 -14.09
N LEU C 139 -36.66 -6.75 -13.77
CA LEU C 139 -35.74 -6.21 -14.77
C LEU C 139 -34.38 -6.86 -14.51
N GLY C 140 -33.33 -6.27 -15.04
CA GLY C 140 -32.02 -6.84 -14.81
C GLY C 140 -30.95 -6.29 -15.71
N CYS C 141 -29.70 -6.61 -15.40
CA CYS C 141 -28.62 -6.15 -16.24
C CYS C 141 -27.46 -7.13 -16.23
N LEU C 142 -26.93 -7.33 -17.42
CA LEU C 142 -25.85 -8.25 -17.65
C LEU C 142 -24.52 -7.53 -17.70
N VAL C 143 -23.57 -8.00 -16.91
CA VAL C 143 -22.23 -7.43 -16.90
C VAL C 143 -21.31 -8.54 -17.38
N LYS C 144 -20.82 -8.46 -18.62
CA LYS C 144 -19.97 -9.53 -19.13
C LYS C 144 -18.69 -9.15 -19.83
N GLY C 145 -17.78 -10.12 -19.89
CA GLY C 145 -16.49 -9.93 -20.54
C GLY C 145 -15.45 -9.15 -19.79
N TYR C 146 -15.53 -9.13 -18.46
CA TYR C 146 -14.56 -8.37 -17.69
C TYR C 146 -13.57 -9.25 -16.93
N PHE C 147 -12.47 -8.62 -16.51
CA PHE C 147 -11.41 -9.27 -15.74
C PHE C 147 -10.53 -8.17 -15.16
N PRO C 148 -10.11 -8.30 -13.89
CA PRO C 148 -10.42 -9.40 -12.97
C PRO C 148 -11.62 -9.01 -12.11
N GLU C 149 -11.81 -9.70 -11.00
CA GLU C 149 -12.88 -9.35 -10.10
C GLU C 149 -12.26 -8.35 -9.13
N PRO C 150 -13.08 -7.64 -8.36
CA PRO C 150 -14.54 -7.70 -8.32
C PRO C 150 -15.17 -6.62 -9.16
N VAL C 151 -16.50 -6.62 -9.15
CA VAL C 151 -17.31 -5.63 -9.85
C VAL C 151 -18.46 -5.37 -8.89
N THR C 152 -18.98 -4.16 -8.86
CA THR C 152 -20.07 -3.86 -7.95
C THR C 152 -21.28 -3.41 -8.75
N VAL C 153 -22.46 -3.84 -8.34
CA VAL C 153 -23.69 -3.46 -9.02
C VAL C 153 -24.73 -2.95 -8.05
N THR C 154 -25.24 -1.74 -8.29
CA THR C 154 -26.28 -1.17 -7.44
C THR C 154 -27.39 -0.70 -8.37
N TRP C 155 -28.59 -0.50 -7.82
CA TRP C 155 -29.70 -0.03 -8.63
C TRP C 155 -30.15 1.35 -8.13
N ASN C 156 -30.30 2.27 -9.07
CA ASN C 156 -30.68 3.65 -8.77
C ASN C 156 -29.76 4.25 -7.69
N SER C 157 -28.48 3.92 -7.80
CA SER C 157 -27.47 4.41 -6.90
C SER C 157 -27.62 3.90 -5.48
N GLY C 158 -28.46 2.88 -5.29
CA GLY C 158 -28.65 2.31 -3.97
C GLY C 158 -30.02 2.48 -3.35
N SER C 159 -30.79 3.43 -3.87
CA SER C 159 -32.14 3.70 -3.36
C SER C 159 -33.00 2.45 -3.50
N LEU C 160 -32.70 1.64 -4.51
CA LEU C 160 -33.43 0.41 -4.78
C LEU C 160 -32.56 -0.78 -4.34
N SER C 161 -32.31 -0.90 -3.04
CA SER C 161 -31.46 -1.97 -2.52
C SER C 161 -32.22 -3.25 -2.24
N SER C 162 -33.40 -3.15 -1.64
CA SER C 162 -34.17 -4.35 -1.36
C SER C 162 -34.77 -4.89 -2.68
N GLY C 163 -35.02 -6.19 -2.72
CA GLY C 163 -35.56 -6.79 -3.92
C GLY C 163 -34.52 -6.97 -5.00
N VAL C 164 -33.25 -6.91 -4.62
CA VAL C 164 -32.18 -7.06 -5.60
C VAL C 164 -31.43 -8.38 -5.41
N HIS C 165 -31.23 -9.09 -6.52
CA HIS C 165 -30.48 -10.35 -6.48
C HIS C 165 -29.32 -10.24 -7.45
N THR C 166 -28.12 -10.04 -6.92
CA THR C 166 -26.94 -9.96 -7.78
C THR C 166 -26.22 -11.29 -7.66
N PHE C 167 -26.11 -11.99 -8.79
CA PHE C 167 -25.51 -13.30 -8.83
C PHE C 167 -23.99 -13.36 -8.91
N PRO C 168 -23.41 -14.41 -8.31
CA PRO C 168 -21.95 -14.61 -8.30
C PRO C 168 -21.48 -14.69 -9.75
N ALA C 169 -20.30 -14.14 -10.03
CA ALA C 169 -19.77 -14.15 -11.39
C ALA C 169 -19.25 -15.54 -11.76
N VAL C 170 -19.34 -15.87 -13.04
CA VAL C 170 -18.88 -17.15 -13.56
C VAL C 170 -17.76 -16.89 -14.54
N LEU C 171 -16.68 -17.66 -14.43
CA LEU C 171 -15.54 -17.49 -15.32
C LEU C 171 -15.68 -18.39 -16.54
N GLN C 172 -15.24 -17.88 -17.68
CA GLN C 172 -15.30 -18.63 -18.93
C GLN C 172 -14.47 -17.91 -19.98
N SER C 173 -13.52 -18.62 -20.56
CA SER C 173 -12.66 -18.03 -21.58
C SER C 173 -11.91 -16.86 -20.98
N ASP C 174 -11.38 -17.07 -19.77
CA ASP C 174 -10.61 -16.07 -19.03
C ASP C 174 -11.30 -14.71 -18.87
N LEU C 175 -12.62 -14.73 -18.74
CA LEU C 175 -13.41 -13.52 -18.55
C LEU C 175 -14.62 -13.82 -17.68
N TYR C 176 -14.92 -12.93 -16.74
CA TYR C 176 -16.06 -13.10 -15.86
C TYR C 176 -17.33 -12.51 -16.45
N THR C 177 -18.46 -13.11 -16.09
CA THR C 177 -19.76 -12.65 -16.53
C THR C 177 -20.65 -12.72 -15.30
N LEU C 178 -21.41 -11.65 -15.09
CA LEU C 178 -22.27 -11.57 -13.94
C LEU C 178 -23.61 -10.96 -14.35
N SER C 179 -24.63 -11.18 -13.54
CA SER C 179 -25.93 -10.60 -13.82
C SER C 179 -26.57 -10.19 -12.52
N SER C 180 -27.47 -9.22 -12.58
CA SER C 180 -28.15 -8.74 -11.40
C SER C 180 -29.61 -8.49 -11.75
N SER C 181 -30.52 -8.79 -10.83
CA SER C 181 -31.94 -8.56 -11.10
C SER C 181 -32.55 -7.66 -10.04
N VAL C 182 -33.69 -7.05 -10.38
CA VAL C 182 -34.40 -6.15 -9.46
C VAL C 182 -35.90 -6.24 -9.75
N THR C 183 -36.70 -6.33 -8.71
CA THR C 183 -38.14 -6.42 -8.89
C THR C 183 -38.82 -5.14 -8.43
N VAL C 184 -39.73 -4.64 -9.28
CA VAL C 184 -40.48 -3.42 -8.99
C VAL C 184 -41.87 -3.45 -9.67
N PRO C 185 -42.86 -2.74 -9.09
CA PRO C 185 -44.24 -2.64 -9.59
C PRO C 185 -44.40 -2.02 -10.98
N TRP C 189 -42.12 0.37 -13.19
CA TRP C 189 -41.44 0.45 -14.48
C TRP C 189 -42.24 1.48 -15.30
N PRO C 190 -41.82 1.81 -16.55
CA PRO C 190 -42.57 2.82 -17.30
C PRO C 190 -42.98 4.10 -16.57
N SER C 191 -43.03 4.02 -15.25
CA SER C 191 -43.38 5.16 -14.42
C SER C 191 -42.18 6.08 -14.52
N GLU C 192 -41.12 5.72 -13.81
CA GLU C 192 -39.92 6.53 -13.84
C GLU C 192 -38.75 5.69 -14.34
N THR C 193 -37.55 6.20 -14.14
CA THR C 193 -36.33 5.55 -14.58
C THR C 193 -35.74 4.60 -13.54
N VAL C 194 -35.21 3.49 -14.03
CA VAL C 194 -34.57 2.50 -13.18
C VAL C 194 -33.33 2.04 -13.94
N THR C 195 -32.18 2.54 -13.51
CA THR C 195 -30.91 2.20 -14.13
C THR C 195 -30.06 1.34 -13.18
N CYS C 196 -29.17 0.54 -13.75
CA CYS C 196 -28.29 -0.30 -12.95
C CYS C 196 -26.90 0.36 -13.02
N ASN C 197 -26.27 0.50 -11.86
CA ASN C 197 -24.97 1.13 -11.77
C ASN C 197 -23.91 0.06 -11.63
N VAL C 198 -22.90 0.09 -12.50
CA VAL C 198 -21.84 -0.90 -12.48
C VAL C 198 -20.46 -0.27 -12.36
N ALA C 199 -19.67 -0.76 -11.42
CA ALA C 199 -18.31 -0.24 -11.26
C ALA C 199 -17.35 -1.40 -11.36
N HIS C 200 -16.21 -1.17 -12.01
CA HIS C 200 -15.19 -2.20 -12.15
C HIS C 200 -13.86 -1.49 -11.94
N PRO C 201 -13.47 -1.31 -10.66
CA PRO C 201 -12.21 -0.64 -10.31
C PRO C 201 -10.92 -1.06 -11.02
N ALA C 202 -10.72 -2.35 -11.28
CA ALA C 202 -9.50 -2.80 -11.95
C ALA C 202 -9.22 -1.99 -13.22
N SER C 203 -10.28 -1.60 -13.91
CA SER C 203 -10.15 -0.81 -15.13
C SER C 203 -10.81 0.56 -14.95
N SER C 204 -11.04 0.93 -13.68
CA SER C 204 -11.67 2.19 -13.34
C SER C 204 -12.82 2.54 -14.26
N THR C 205 -13.77 1.62 -14.36
CA THR C 205 -14.97 1.80 -15.19
C THR C 205 -16.18 2.04 -14.28
N LYS C 206 -17.07 2.91 -14.74
CA LYS C 206 -18.30 3.22 -14.01
C LYS C 206 -19.38 3.50 -15.05
N VAL C 207 -20.19 2.49 -15.33
CA VAL C 207 -21.25 2.63 -16.31
C VAL C 207 -22.64 2.63 -15.70
N ASP C 208 -23.57 3.27 -16.41
CA ASP C 208 -24.95 3.34 -15.98
C ASP C 208 -25.86 3.02 -17.16
N LYS C 209 -26.74 2.05 -16.99
CA LYS C 209 -27.65 1.66 -18.07
C LYS C 209 -29.10 1.69 -17.65
N LYS C 210 -29.90 2.42 -18.42
CA LYS C 210 -31.34 2.55 -18.17
C LYS C 210 -32.07 1.35 -18.81
N ILE C 211 -33.14 0.91 -18.16
CA ILE C 211 -33.92 -0.22 -18.67
C ILE C 211 -35.22 0.27 -19.34
N VAL C 212 -35.16 0.50 -20.65
CA VAL C 212 -36.34 0.96 -21.40
C VAL C 212 -37.06 -0.17 -22.14
N PRO C 213 -38.40 -0.20 -22.05
CA PRO C 213 -39.23 -1.22 -22.70
C PRO C 213 -38.76 -1.65 -24.07
N GLU D 1 0.51 -29.38 8.30
CA GLU D 1 -0.14 -30.49 7.58
C GLU D 1 -1.04 -31.33 8.48
N LEU D 2 -1.71 -30.63 9.38
CA LEU D 2 -2.64 -31.23 10.33
C LEU D 2 -4.05 -31.04 9.75
N VAL D 3 -4.62 -32.10 9.16
CA VAL D 3 -5.94 -32.00 8.55
C VAL D 3 -7.15 -31.97 9.50
N MET D 4 -8.01 -30.97 9.28
CA MET D 4 -9.24 -30.78 10.05
C MET D 4 -10.40 -31.20 9.18
N THR D 5 -11.15 -32.23 9.57
CA THR D 5 -12.27 -32.64 8.74
C THR D 5 -13.58 -32.26 9.40
N GLN D 6 -14.35 -31.41 8.73
CA GLN D 6 -15.63 -30.99 9.28
C GLN D 6 -16.77 -31.69 8.58
N THR D 7 -17.72 -32.18 9.37
CA THR D 7 -18.85 -32.91 8.80
C THR D 7 -20.15 -32.45 9.46
N PRO D 8 -21.20 -32.26 8.66
CA PRO D 8 -21.26 -32.44 7.21
C PRO D 8 -20.76 -31.17 6.57
N ALA D 9 -20.61 -31.16 5.25
CA ALA D 9 -20.15 -29.95 4.58
C ALA D 9 -21.31 -28.97 4.58
N ILE D 10 -22.51 -29.49 4.34
CA ILE D 10 -23.72 -28.69 4.32
C ILE D 10 -24.75 -29.44 5.14
N MET D 11 -25.56 -28.68 5.86
CA MET D 11 -26.61 -29.25 6.69
C MET D 11 -27.64 -28.16 6.87
N SER D 12 -28.91 -28.52 6.92
CA SER D 12 -29.93 -27.51 7.13
C SER D 12 -30.64 -27.82 8.45
N ALA D 13 -31.23 -26.80 9.05
CA ALA D 13 -31.92 -26.97 10.32
C ALA D 13 -33.13 -26.05 10.41
N SER D 14 -34.21 -26.54 11.01
CA SER D 14 -35.42 -25.74 11.18
C SER D 14 -35.19 -24.82 12.36
N PRO D 15 -35.88 -23.68 12.39
CA PRO D 15 -35.67 -22.79 13.54
C PRO D 15 -36.12 -23.47 14.83
N GLY D 16 -35.34 -23.32 15.89
CA GLY D 16 -35.70 -23.94 17.14
C GLY D 16 -35.07 -25.31 17.38
N GLU D 17 -34.60 -25.99 16.34
CA GLU D 17 -34.01 -27.29 16.61
C GLU D 17 -32.54 -27.24 16.96
N LYS D 18 -32.12 -28.21 17.75
CA LYS D 18 -30.75 -28.31 18.20
C LYS D 18 -29.85 -28.57 16.99
N VAL D 19 -28.61 -28.09 17.07
CA VAL D 19 -27.65 -28.24 15.99
C VAL D 19 -26.26 -28.59 16.53
N THR D 20 -25.60 -29.54 15.87
CA THR D 20 -24.27 -29.95 16.29
C THR D 20 -23.43 -30.17 15.04
N MET D 21 -22.22 -29.64 15.04
CA MET D 21 -21.33 -29.86 13.90
C MET D 21 -20.01 -30.36 14.45
N THR D 22 -19.41 -31.32 13.75
CA THR D 22 -18.16 -31.90 14.21
C THR D 22 -16.90 -31.48 13.47
N CYS D 23 -15.79 -31.56 14.19
CA CYS D 23 -14.48 -31.22 13.68
C CYS D 23 -13.54 -32.35 14.10
N SER D 24 -13.07 -33.10 13.12
CA SER D 24 -12.18 -34.22 13.39
C SER D 24 -10.74 -33.89 13.02
N ALA D 25 -9.83 -34.00 14.00
CA ALA D 25 -8.42 -33.73 13.75
C ALA D 25 -7.67 -35.01 13.36
N SER D 26 -6.73 -34.89 12.43
CA SER D 26 -5.93 -36.02 11.98
C SER D 26 -4.96 -36.43 13.08
N SER D 27 -4.62 -35.49 13.94
CA SER D 27 -3.71 -35.77 15.06
C SER D 27 -4.22 -34.93 16.22
N SER D 28 -3.98 -35.41 17.44
CA SER D 28 -4.45 -34.68 18.61
C SER D 28 -4.04 -33.22 18.56
N VAL D 29 -4.92 -32.35 19.05
CA VAL D 29 -4.65 -30.94 19.12
C VAL D 29 -5.20 -30.57 20.49
N SER D 30 -4.56 -29.61 21.16
CA SER D 30 -4.99 -29.23 22.50
C SER D 30 -6.07 -28.15 22.52
N SER D 31 -6.01 -27.24 21.55
CA SER D 31 -6.96 -26.14 21.45
C SER D 31 -7.81 -26.32 20.19
N VAL D 32 -8.72 -25.39 19.97
CA VAL D 32 -9.59 -25.42 18.81
C VAL D 32 -10.41 -24.14 18.86
N HIS D 33 -10.47 -23.42 17.74
CA HIS D 33 -11.26 -22.20 17.70
C HIS D 33 -12.31 -22.43 16.63
N TRP D 34 -13.39 -21.65 16.67
CA TRP D 34 -14.43 -21.72 15.68
C TRP D 34 -14.70 -20.32 15.17
N TYR D 35 -14.97 -20.20 13.88
CA TYR D 35 -15.26 -18.91 13.30
C TYR D 35 -16.58 -18.98 12.56
N GLN D 36 -17.29 -17.86 12.54
CA GLN D 36 -18.56 -17.77 11.85
C GLN D 36 -18.38 -16.78 10.71
N GLN D 37 -18.88 -17.15 9.54
CA GLN D 37 -18.80 -16.28 8.39
C GLN D 37 -20.11 -16.32 7.59
N LYS D 38 -20.75 -15.16 7.48
CA LYS D 38 -22.00 -15.04 6.76
C LYS D 38 -21.70 -14.55 5.36
N SER D 39 -22.62 -14.78 4.43
CA SER D 39 -22.42 -14.37 3.05
C SER D 39 -22.10 -12.87 2.93
N GLY D 40 -21.02 -12.56 2.23
CA GLY D 40 -20.65 -11.17 2.01
C GLY D 40 -19.80 -10.48 3.07
N THR D 41 -19.59 -11.11 4.21
CA THR D 41 -18.77 -10.49 5.23
C THR D 41 -17.57 -11.35 5.59
N SER D 42 -16.79 -10.88 6.55
CA SER D 42 -15.58 -11.58 6.95
C SER D 42 -15.75 -12.54 8.12
N PRO D 43 -14.80 -13.47 8.28
CA PRO D 43 -14.95 -14.38 9.40
C PRO D 43 -14.98 -13.59 10.69
N LYS D 44 -15.54 -14.20 11.74
CA LYS D 44 -15.62 -13.58 13.05
C LYS D 44 -15.39 -14.73 14.03
N ARG D 45 -14.43 -14.60 14.94
CA ARG D 45 -14.20 -15.68 15.87
C ARG D 45 -15.45 -15.92 16.69
N TRP D 46 -15.83 -17.19 16.81
CA TRP D 46 -17.04 -17.55 17.52
C TRP D 46 -16.78 -18.29 18.82
N ILE D 47 -15.66 -19.01 18.87
CA ILE D 47 -15.31 -19.77 20.06
C ILE D 47 -13.80 -19.96 20.17
N TYR D 48 -13.25 -19.69 21.37
CA TYR D 48 -11.83 -19.90 21.59
C TYR D 48 -11.62 -20.86 22.75
N ASP D 49 -10.43 -21.46 22.78
CA ASP D 49 -10.09 -22.43 23.82
C ASP D 49 -11.12 -23.56 23.84
N THR D 50 -11.44 -24.04 22.64
CA THR D 50 -12.40 -25.11 22.40
C THR D 50 -13.81 -24.92 22.98
N SER D 51 -13.96 -24.14 24.05
CA SER D 51 -15.28 -23.96 24.63
C SER D 51 -15.63 -22.58 25.18
N LYS D 52 -14.73 -21.61 25.08
CA LYS D 52 -15.06 -20.30 25.62
C LYS D 52 -15.70 -19.39 24.57
N LEU D 53 -16.56 -18.48 25.03
CA LEU D 53 -17.26 -17.57 24.13
C LEU D 53 -16.82 -16.11 24.24
N PRO D 54 -16.54 -15.47 23.09
CA PRO D 54 -16.14 -14.08 23.17
C PRO D 54 -17.40 -13.23 23.27
N SER D 55 -17.27 -12.03 23.82
CA SER D 55 -18.41 -11.13 23.96
C SER D 55 -19.17 -11.03 22.65
N GLY D 56 -20.49 -11.11 22.73
CA GLY D 56 -21.30 -11.00 21.52
C GLY D 56 -21.82 -12.32 20.97
N VAL D 57 -21.29 -13.44 21.45
CA VAL D 57 -21.72 -14.76 20.96
C VAL D 57 -22.87 -15.29 21.81
N PRO D 58 -24.05 -15.49 21.21
CA PRO D 58 -25.20 -16.00 21.93
C PRO D 58 -24.87 -17.20 22.81
N GLY D 59 -25.48 -17.24 23.99
CA GLY D 59 -25.24 -18.35 24.89
C GLY D 59 -25.80 -19.67 24.38
N ARG D 60 -26.64 -19.63 23.36
CA ARG D 60 -27.18 -20.87 22.85
C ARG D 60 -26.05 -21.63 22.16
N PHE D 61 -24.96 -20.92 21.87
CA PHE D 61 -23.79 -21.50 21.23
C PHE D 61 -22.88 -22.04 22.30
N SER D 62 -22.25 -23.18 22.03
CA SER D 62 -21.33 -23.80 22.96
C SER D 62 -20.39 -24.73 22.21
N GLY D 63 -19.16 -24.86 22.70
CA GLY D 63 -18.21 -25.74 22.07
C GLY D 63 -17.72 -26.77 23.06
N SER D 64 -17.16 -27.88 22.57
CA SER D 64 -16.66 -28.92 23.45
C SER D 64 -15.81 -29.88 22.66
N GLY D 65 -15.12 -30.79 23.37
CA GLY D 65 -14.27 -31.76 22.70
C GLY D 65 -12.87 -31.88 23.28
N SER D 66 -12.07 -32.73 22.65
CA SER D 66 -10.70 -32.97 23.09
C SER D 66 -10.03 -33.98 22.14
N GLY D 67 -8.71 -34.12 22.23
CA GLY D 67 -8.01 -35.06 21.37
C GLY D 67 -8.21 -34.77 19.88
N THR D 68 -8.86 -35.69 19.18
CA THR D 68 -9.11 -35.51 17.76
C THR D 68 -10.58 -35.29 17.43
N SER D 69 -11.40 -35.00 18.43
CA SER D 69 -12.83 -34.78 18.18
C SER D 69 -13.37 -33.57 18.92
N TYR D 70 -13.87 -32.60 18.15
CA TYR D 70 -14.45 -31.38 18.72
C TYR D 70 -15.78 -31.10 18.06
N SER D 71 -16.61 -30.28 18.68
CA SER D 71 -17.89 -29.96 18.08
C SER D 71 -18.47 -28.64 18.55
N LEU D 72 -19.30 -28.06 17.68
CA LEU D 72 -19.97 -26.80 17.96
C LEU D 72 -21.47 -27.11 18.00
N THR D 73 -22.11 -26.75 19.11
CA THR D 73 -23.54 -27.01 19.27
C THR D 73 -24.38 -25.75 19.42
N ILE D 74 -25.55 -25.77 18.81
CA ILE D 74 -26.49 -24.67 18.92
C ILE D 74 -27.71 -25.33 19.59
N SER D 75 -27.94 -24.98 20.84
CA SER D 75 -29.05 -25.57 21.57
C SER D 75 -30.39 -25.42 20.89
N SER D 76 -30.63 -24.27 20.27
CA SER D 76 -31.86 -24.04 19.53
C SER D 76 -31.48 -23.03 18.45
N MET D 77 -31.79 -23.35 17.20
CA MET D 77 -31.43 -22.46 16.11
C MET D 77 -32.36 -21.29 15.88
N GLU D 78 -31.76 -20.22 15.40
CA GLU D 78 -32.42 -18.96 15.05
C GLU D 78 -32.04 -18.79 13.58
N ALA D 79 -32.93 -18.22 12.75
CA ALA D 79 -32.62 -18.00 11.33
C ALA D 79 -31.30 -17.24 11.19
N GLU D 80 -31.05 -16.40 12.18
CA GLU D 80 -29.85 -15.56 12.23
C GLU D 80 -28.56 -16.36 12.40
N ASP D 81 -28.68 -17.64 12.74
CA ASP D 81 -27.52 -18.52 12.94
C ASP D 81 -27.01 -19.13 11.63
N ALA D 82 -27.76 -18.96 10.54
CA ALA D 82 -27.37 -19.51 9.25
C ALA D 82 -26.06 -18.90 8.79
N ALA D 83 -25.06 -19.74 8.56
CA ALA D 83 -23.74 -19.28 8.14
C ALA D 83 -22.82 -20.47 7.93
N THR D 84 -21.53 -20.20 7.79
CA THR D 84 -20.56 -21.25 7.61
C THR D 84 -19.69 -21.22 8.85
N TYR D 85 -19.45 -22.38 9.44
CA TYR D 85 -18.61 -22.41 10.63
C TYR D 85 -17.31 -23.18 10.39
N TYR D 86 -16.19 -22.55 10.72
CA TYR D 86 -14.87 -23.15 10.54
C TYR D 86 -14.20 -23.43 11.87
N CYS D 87 -13.62 -24.61 12.03
CA CYS D 87 -12.87 -24.89 13.26
C CYS D 87 -11.43 -24.69 12.86
N GLN D 88 -10.58 -24.38 13.83
CA GLN D 88 -9.17 -24.16 13.55
C GLN D 88 -8.30 -24.60 14.73
N GLN D 89 -7.08 -25.03 14.45
CA GLN D 89 -6.18 -25.45 15.49
C GLN D 89 -4.84 -24.70 15.47
N TRP D 90 -4.30 -24.42 16.66
CA TRP D 90 -3.03 -23.72 16.80
C TRP D 90 -1.95 -24.61 17.43
N SER D 91 -2.24 -25.89 17.62
CA SER D 91 -1.29 -26.81 18.22
C SER D 91 -0.04 -27.04 17.38
N SER D 92 -0.22 -27.23 16.07
CA SER D 92 0.88 -27.48 15.16
C SER D 92 1.03 -26.36 14.13
N ASN D 93 2.14 -26.40 13.43
CA ASN D 93 2.48 -25.42 12.39
C ASN D 93 2.32 -26.05 11.01
N PRO D 94 1.52 -25.43 10.14
CA PRO D 94 0.78 -24.19 10.36
C PRO D 94 -0.61 -24.39 10.98
N PRO D 95 -1.21 -23.31 11.48
CA PRO D 95 -2.53 -23.29 12.12
C PRO D 95 -3.64 -23.54 11.10
N THR D 96 -3.88 -24.81 10.82
CA THR D 96 -4.88 -25.17 9.83
C THR D 96 -6.34 -24.93 10.19
N PHE D 97 -7.17 -24.88 9.15
CA PHE D 97 -8.61 -24.67 9.28
C PHE D 97 -9.32 -25.86 8.62
N GLY D 98 -10.57 -26.08 9.00
CA GLY D 98 -11.34 -27.14 8.40
C GLY D 98 -11.96 -26.50 7.18
N ALA D 99 -12.62 -27.28 6.33
CA ALA D 99 -13.22 -26.73 5.11
C ALA D 99 -14.54 -26.04 5.43
N GLY D 100 -14.96 -26.11 6.69
CA GLY D 100 -16.19 -25.46 7.11
C GLY D 100 -17.48 -26.24 6.97
N THR D 101 -18.46 -25.84 7.78
CA THR D 101 -19.78 -26.43 7.73
C THR D 101 -20.78 -25.30 7.49
N LYS D 102 -21.54 -25.46 6.42
CA LYS D 102 -22.55 -24.49 6.04
C LYS D 102 -23.89 -24.87 6.68
N LEU D 103 -24.35 -24.03 7.60
CA LEU D 103 -25.61 -24.22 8.29
C LEU D 103 -26.63 -23.32 7.65
N GLU D 104 -27.64 -23.88 7.00
CA GLU D 104 -28.66 -23.07 6.35
C GLU D 104 -30.00 -23.29 7.04
N VAL D 105 -30.89 -22.32 6.90
CA VAL D 105 -32.20 -22.39 7.51
C VAL D 105 -33.16 -23.22 6.68
N LYS D 106 -33.89 -24.10 7.37
CA LYS D 106 -34.87 -24.99 6.72
C LYS D 106 -36.18 -24.25 6.71
N ARG D 107 -36.89 -24.32 5.59
CA ARG D 107 -38.16 -23.63 5.48
C ARG D 107 -39.13 -24.32 4.53
N ALA D 108 -40.37 -23.87 4.53
CA ALA D 108 -41.40 -24.42 3.66
C ALA D 108 -40.92 -24.20 2.25
N ASP D 109 -41.10 -25.21 1.40
CA ASP D 109 -40.69 -25.10 0.01
C ASP D 109 -41.39 -23.95 -0.71
N ALA D 110 -40.86 -23.57 -1.87
CA ALA D 110 -41.45 -22.50 -2.66
C ALA D 110 -41.03 -22.67 -4.11
N ALA D 111 -41.96 -22.40 -5.04
CA ALA D 111 -41.66 -22.51 -6.45
C ALA D 111 -41.05 -21.19 -6.91
N PRO D 112 -40.21 -21.24 -7.96
CA PRO D 112 -39.55 -20.06 -8.51
C PRO D 112 -40.42 -19.11 -9.34
N THR D 113 -40.00 -17.84 -9.37
CA THR D 113 -40.64 -16.80 -10.15
C THR D 113 -39.70 -16.65 -11.35
N VAL D 114 -40.06 -17.27 -12.47
CA VAL D 114 -39.23 -17.25 -13.66
C VAL D 114 -39.43 -16.04 -14.57
N SER D 115 -38.31 -15.52 -15.08
CA SER D 115 -38.30 -14.37 -15.99
C SER D 115 -37.25 -14.63 -17.07
N ILE D 116 -37.64 -14.50 -18.33
CA ILE D 116 -36.71 -14.71 -19.45
C ILE D 116 -36.55 -13.40 -20.23
N PHE D 117 -35.33 -13.10 -20.65
CA PHE D 117 -35.07 -11.86 -21.40
C PHE D 117 -34.31 -12.09 -22.72
N PRO D 118 -34.79 -11.47 -23.82
CA PRO D 118 -34.11 -11.63 -25.12
C PRO D 118 -32.83 -10.80 -25.15
N PRO D 119 -31.92 -11.08 -26.08
CA PRO D 119 -30.67 -10.33 -26.18
C PRO D 119 -30.95 -8.84 -26.41
N SER D 120 -30.30 -7.99 -25.63
CA SER D 120 -30.51 -6.55 -25.76
C SER D 120 -30.01 -6.01 -27.08
N SER D 121 -30.34 -4.74 -27.34
CA SER D 121 -29.93 -4.07 -28.57
C SER D 121 -28.43 -4.04 -28.70
N GLU D 122 -27.80 -3.24 -27.87
CA GLU D 122 -26.35 -3.08 -27.89
C GLU D 122 -25.62 -4.39 -28.10
N GLN D 123 -25.98 -5.43 -27.34
CA GLN D 123 -25.28 -6.71 -27.48
C GLN D 123 -25.32 -7.25 -28.91
N LEU D 124 -26.51 -7.34 -29.48
CA LEU D 124 -26.63 -7.84 -30.84
C LEU D 124 -25.73 -7.00 -31.74
N THR D 125 -25.74 -5.68 -31.55
CA THR D 125 -24.89 -4.79 -32.34
C THR D 125 -23.45 -5.29 -32.31
N SER D 126 -23.03 -5.79 -31.14
CA SER D 126 -21.68 -6.30 -30.93
C SER D 126 -21.47 -7.69 -31.53
N GLY D 127 -22.54 -8.30 -32.00
CA GLY D 127 -22.42 -9.62 -32.59
C GLY D 127 -22.73 -10.74 -31.62
N GLY D 128 -22.94 -10.40 -30.36
CA GLY D 128 -23.27 -11.41 -29.36
C GLY D 128 -24.75 -11.43 -29.05
N ALA D 129 -25.23 -12.55 -28.55
CA ALA D 129 -26.65 -12.70 -28.22
C ALA D 129 -26.84 -13.58 -26.99
N SER D 130 -26.90 -12.96 -25.83
CA SER D 130 -27.08 -13.71 -24.60
C SER D 130 -28.54 -13.72 -24.16
N VAL D 131 -29.09 -14.90 -23.94
CA VAL D 131 -30.48 -14.99 -23.50
C VAL D 131 -30.40 -15.32 -22.01
N VAL D 132 -30.85 -14.40 -21.16
CA VAL D 132 -30.80 -14.60 -19.72
C VAL D 132 -32.13 -15.07 -19.16
N CYS D 133 -32.07 -15.68 -17.99
CA CYS D 133 -33.27 -16.17 -17.35
C CYS D 133 -33.07 -16.21 -15.84
N PHE D 134 -34.00 -15.59 -15.10
CA PHE D 134 -33.91 -15.56 -13.65
C PHE D 134 -34.96 -16.40 -12.92
N LEU D 135 -34.50 -17.31 -12.07
CA LEU D 135 -35.40 -18.12 -11.25
C LEU D 135 -35.24 -17.53 -9.85
N ASN D 136 -36.16 -16.68 -9.43
CA ASN D 136 -36.02 -16.04 -8.12
C ASN D 136 -36.83 -16.60 -6.94
N ASN D 137 -36.31 -16.29 -5.75
CA ASN D 137 -36.87 -16.66 -4.45
C ASN D 137 -37.61 -17.99 -4.31
N PHE D 138 -36.85 -19.09 -4.43
CA PHE D 138 -37.39 -20.43 -4.29
C PHE D 138 -36.65 -21.22 -3.20
N TYR D 139 -37.17 -22.41 -2.88
CA TYR D 139 -36.59 -23.28 -1.84
C TYR D 139 -37.11 -24.70 -2.06
N PRO D 140 -36.22 -25.73 -2.03
CA PRO D 140 -34.76 -25.81 -1.82
C PRO D 140 -33.92 -25.21 -2.94
N LYS D 141 -32.60 -25.26 -2.78
CA LYS D 141 -31.71 -24.70 -3.78
C LYS D 141 -31.55 -25.62 -4.97
N ASP D 142 -31.99 -26.87 -4.84
CA ASP D 142 -31.88 -27.82 -5.93
C ASP D 142 -32.98 -27.55 -6.94
N ILE D 143 -32.59 -27.10 -8.12
CA ILE D 143 -33.54 -26.79 -9.17
C ILE D 143 -32.76 -26.80 -10.47
N ASN D 144 -33.37 -27.33 -11.53
CA ASN D 144 -32.69 -27.38 -12.80
C ASN D 144 -33.46 -26.61 -13.85
N VAL D 145 -32.74 -25.98 -14.75
CA VAL D 145 -33.35 -25.22 -15.82
C VAL D 145 -33.08 -25.95 -17.14
N LYS D 146 -33.96 -25.76 -18.11
CA LYS D 146 -33.80 -26.41 -19.39
C LYS D 146 -34.04 -25.38 -20.48
N TRP D 147 -33.03 -25.14 -21.31
CA TRP D 147 -33.15 -24.19 -22.41
C TRP D 147 -33.63 -24.91 -23.66
N LYS D 148 -34.65 -24.35 -24.31
CA LYS D 148 -35.18 -24.93 -25.53
C LYS D 148 -35.28 -23.90 -26.65
N ILE D 149 -34.82 -24.28 -27.84
CA ILE D 149 -34.88 -23.40 -28.98
C ILE D 149 -35.61 -24.13 -30.10
N ASP D 150 -36.82 -23.67 -30.41
CA ASP D 150 -37.64 -24.30 -31.44
C ASP D 150 -37.82 -25.79 -31.17
N GLY D 151 -38.01 -26.14 -29.89
CA GLY D 151 -38.20 -27.53 -29.51
C GLY D 151 -36.98 -28.15 -28.85
N ARG D 154 -33.02 -27.64 -25.69
CA ARG D 154 -31.93 -28.42 -25.11
C ARG D 154 -30.58 -27.73 -25.42
N GLN D 155 -29.57 -27.95 -24.56
CA GLN D 155 -28.24 -27.42 -24.77
C GLN D 155 -27.12 -27.09 -23.78
N ASN D 156 -25.93 -27.11 -24.37
CA ASN D 156 -24.71 -26.71 -23.71
C ASN D 156 -24.36 -25.29 -24.20
N GLY D 157 -23.56 -24.59 -23.41
CA GLY D 157 -23.20 -23.22 -23.73
C GLY D 157 -23.98 -22.33 -22.76
N VAL D 158 -24.36 -22.94 -21.64
CA VAL D 158 -25.15 -22.28 -20.61
C VAL D 158 -24.35 -22.07 -19.33
N LEU D 159 -24.44 -20.87 -18.76
CA LEU D 159 -23.75 -20.58 -17.51
C LEU D 159 -24.75 -20.25 -16.42
N ASN D 160 -24.73 -21.03 -15.35
CA ASN D 160 -25.65 -20.84 -14.22
C ASN D 160 -24.94 -20.30 -12.99
N SER D 161 -25.67 -19.62 -12.13
CA SER D 161 -25.10 -19.05 -10.93
C SER D 161 -26.17 -18.96 -9.84
N TRP D 162 -25.82 -19.37 -8.62
CA TRP D 162 -26.75 -19.32 -7.50
C TRP D 162 -26.31 -18.29 -6.47
N THR D 163 -27.27 -17.71 -5.76
CA THR D 163 -26.97 -16.75 -4.70
C THR D 163 -26.99 -17.57 -3.42
N ASP D 164 -26.47 -17.03 -2.33
CA ASP D 164 -26.49 -17.75 -1.07
C ASP D 164 -27.93 -17.70 -0.58
N GLN D 165 -28.24 -18.42 0.48
CA GLN D 165 -29.60 -18.39 1.01
C GLN D 165 -29.94 -16.97 1.45
N ASP D 166 -31.08 -16.45 1.01
CA ASP D 166 -31.46 -15.09 1.38
C ASP D 166 -31.59 -14.99 2.90
N SER D 167 -31.03 -13.91 3.46
CA SER D 167 -31.07 -13.71 4.89
C SER D 167 -32.44 -13.26 5.40
N LYS D 168 -33.26 -12.73 4.52
CA LYS D 168 -34.61 -12.29 4.92
C LYS D 168 -35.69 -13.35 4.82
N ASP D 169 -35.84 -13.99 3.65
CA ASP D 169 -36.88 -15.01 3.50
C ASP D 169 -36.36 -16.45 3.38
N SER D 170 -35.05 -16.61 3.55
CA SER D 170 -34.42 -17.92 3.50
C SER D 170 -34.57 -18.71 2.19
N THR D 171 -34.81 -18.02 1.08
CA THR D 171 -34.95 -18.70 -0.21
C THR D 171 -33.67 -18.64 -1.03
N TYR D 172 -33.74 -19.16 -2.25
CA TYR D 172 -32.61 -19.17 -3.17
C TYR D 172 -33.03 -18.57 -4.49
N SER D 173 -32.04 -18.06 -5.23
CA SER D 173 -32.28 -17.49 -6.55
C SER D 173 -31.16 -18.01 -7.44
N MET D 174 -31.43 -18.09 -8.73
CA MET D 174 -30.45 -18.58 -9.69
C MET D 174 -30.57 -17.82 -10.99
N SER D 175 -29.49 -17.82 -11.75
CA SER D 175 -29.46 -17.16 -13.03
C SER D 175 -28.90 -18.12 -14.07
N SER D 176 -29.55 -18.19 -15.23
CA SER D 176 -29.12 -19.05 -16.33
C SER D 176 -28.91 -18.17 -17.55
N THR D 177 -27.73 -18.25 -18.15
CA THR D 177 -27.40 -17.44 -19.31
C THR D 177 -26.86 -18.25 -20.48
N LEU D 178 -27.62 -18.27 -21.58
CA LEU D 178 -27.24 -18.98 -22.78
C LEU D 178 -26.69 -17.97 -23.78
N THR D 179 -25.41 -18.07 -24.09
CA THR D 179 -24.78 -17.13 -25.00
C THR D 179 -24.66 -17.65 -26.41
N LEU D 180 -25.11 -16.85 -27.38
CA LEU D 180 -25.04 -17.22 -28.79
C LEU D 180 -24.47 -16.05 -29.56
N THR D 181 -24.36 -16.22 -30.87
CA THR D 181 -23.85 -15.19 -31.76
C THR D 181 -25.06 -14.49 -32.42
N LYS D 182 -24.97 -13.17 -32.61
CA LYS D 182 -26.07 -12.42 -33.23
C LYS D 182 -26.70 -13.26 -34.33
N ASP D 183 -25.87 -13.76 -35.23
CA ASP D 183 -26.32 -14.57 -36.35
C ASP D 183 -27.12 -15.81 -35.96
N GLU D 184 -26.59 -16.60 -35.05
CA GLU D 184 -27.29 -17.80 -34.62
C GLU D 184 -28.62 -17.46 -33.96
N TYR D 185 -28.65 -16.34 -33.25
CA TYR D 185 -29.85 -15.91 -32.57
C TYR D 185 -30.98 -15.57 -33.54
N GLU D 186 -30.66 -14.82 -34.58
CA GLU D 186 -31.66 -14.41 -35.57
C GLU D 186 -32.03 -15.55 -36.52
N ARG D 187 -31.47 -16.73 -36.26
CA ARG D 187 -31.69 -17.92 -37.06
C ARG D 187 -32.84 -18.75 -36.48
N HIS D 188 -33.24 -18.45 -35.25
CA HIS D 188 -34.33 -19.19 -34.61
C HIS D 188 -35.41 -18.28 -34.08
N ASN D 189 -36.50 -18.84 -33.56
CA ASN D 189 -37.62 -18.01 -33.09
C ASN D 189 -38.14 -18.21 -31.67
N SER D 190 -38.37 -19.47 -31.30
CA SER D 190 -38.87 -19.79 -29.98
C SER D 190 -37.76 -19.95 -28.95
N TYR D 191 -37.79 -19.15 -27.90
CA TYR D 191 -36.80 -19.28 -26.85
C TYR D 191 -37.55 -19.47 -25.54
N THR D 192 -37.37 -20.65 -24.96
CA THR D 192 -38.03 -21.02 -23.72
C THR D 192 -37.07 -21.33 -22.60
N CYS D 193 -37.42 -20.87 -21.41
CA CYS D 193 -36.64 -21.12 -20.20
C CYS D 193 -37.56 -21.98 -19.31
N GLU D 194 -37.20 -23.26 -19.19
CA GLU D 194 -38.00 -24.24 -18.44
C GLU D 194 -37.37 -24.66 -17.10
N ALA D 195 -38.07 -24.41 -16.00
CA ALA D 195 -37.56 -24.75 -14.69
C ALA D 195 -38.42 -25.77 -13.96
N THR D 196 -37.77 -26.83 -13.48
CA THR D 196 -38.46 -27.90 -12.77
C THR D 196 -37.99 -27.95 -11.31
N HIS D 197 -38.89 -27.59 -10.38
CA HIS D 197 -38.57 -27.54 -8.95
C HIS D 197 -39.55 -28.25 -8.00
N LYS D 198 -40.08 -27.48 -7.04
CA LYS D 198 -41.01 -27.97 -6.01
C LYS D 198 -41.75 -29.25 -6.41
N THR D 201 -42.34 -31.37 -10.52
CA THR D 201 -43.74 -31.11 -10.85
C THR D 201 -43.88 -30.98 -12.36
N SER D 202 -44.57 -29.92 -12.76
CA SER D 202 -44.78 -29.59 -14.16
C SER D 202 -43.86 -28.41 -14.38
N PRO D 203 -42.92 -28.55 -15.31
CA PRO D 203 -41.95 -27.49 -15.62
C PRO D 203 -42.53 -26.09 -15.77
N ILE D 204 -42.20 -25.22 -14.82
CA ILE D 204 -42.65 -23.84 -14.85
C ILE D 204 -41.99 -23.21 -16.07
N VAL D 205 -42.78 -23.02 -17.13
CA VAL D 205 -42.27 -22.48 -18.39
C VAL D 205 -42.52 -20.99 -18.65
N LYS D 206 -41.52 -20.37 -19.30
CA LYS D 206 -41.55 -18.97 -19.68
C LYS D 206 -40.86 -18.89 -21.04
N SER D 207 -41.17 -17.87 -21.83
CA SER D 207 -40.55 -17.76 -23.15
C SER D 207 -40.90 -16.49 -23.92
N PHE D 208 -40.33 -16.36 -25.10
CA PHE D 208 -40.59 -15.24 -25.98
C PHE D 208 -40.30 -15.68 -27.41
N ASN D 209 -40.70 -14.87 -28.38
CA ASN D 209 -40.46 -15.16 -29.77
C ASN D 209 -39.76 -13.94 -30.34
N ARG D 210 -38.53 -14.10 -30.82
CA ARG D 210 -37.76 -12.97 -31.33
C ARG D 210 -38.40 -12.08 -32.36
N ASN D 211 -39.41 -12.55 -33.07
CA ASN D 211 -40.08 -11.70 -34.06
C ASN D 211 -40.94 -10.68 -33.29
N GLU D 212 -40.45 -10.34 -32.10
CA GLU D 212 -41.08 -9.41 -31.16
C GLU D 212 -42.43 -9.97 -30.71
#